data_2FF4
#
_entry.id   2FF4
#
_cell.length_a   162.390
_cell.length_b   82.040
_cell.length_c   81.080
_cell.angle_alpha   90.00
_cell.angle_beta   115.37
_cell.angle_gamma   90.00
#
_symmetry.space_group_name_H-M   'C 1 2 1'
#
loop_
_entity.id
_entity.type
_entity.pdbx_description
1 polymer 'Probable regulatory protein embR'
2 polymer 'DNA repair protein RAD9'
3 water water
#
loop_
_entity_poly.entity_id
_entity_poly.type
_entity_poly.pdbx_seq_one_letter_code
_entity_poly.pdbx_strand_id
1 'polypeptide(L)'
;MAGSATVEKRLDFGLLGPLQMTIDGTPVPSGTPKQRAVLAMLVINRNRPVGVDALITALWEEWPPSGARASIHSYVSNLR
KLLGGAGIDPRVVLAAAPPGYRLSIPDNTCDLGRFVAEKTAGVHAAAAGRFEQASRHLSAALREWRGPVLDDLRDFQFVE
PFATALVEDKVLAHTAKAEAEIACGRASAVIAELEALTFEHPYREPLWTQLITAYYLSDRQSDALGAYRRVKTTLADDLG
IDPGPTLRALNERILRQQPLDAKKSAKTTAAGTVTVLDQRTMASGQQAVAYLHDIASGRGYPLQAAATRIGRLHDNDIVL
DSANVSRHHAVIVDTGTNYVINDLRSSNGVHVQHERIRSAVTLNDGDHIRICDHEFTFQISAGTHGGT
;
A,B
2 'polypeptide(L)' SLEV(TPO)EADT E,F
#
# COMPACT_ATOMS: atom_id res chain seq x y z
N GLU A 8 -36.79 -4.68 -4.57
CA GLU A 8 -37.57 -3.44 -4.33
C GLU A 8 -36.75 -2.17 -4.53
N LYS A 9 -35.48 -2.19 -4.10
CA LYS A 9 -34.57 -1.06 -4.24
C LYS A 9 -33.26 -1.50 -4.90
N ARG A 10 -32.62 -0.58 -5.64
CA ARG A 10 -31.41 -0.90 -6.38
C ARG A 10 -30.27 -1.22 -5.42
N LEU A 11 -29.64 -2.37 -5.63
CA LEU A 11 -28.46 -2.77 -4.86
C LEU A 11 -27.23 -2.66 -5.77
N ASP A 12 -26.21 -1.97 -5.30
CA ASP A 12 -24.99 -1.74 -6.08
C ASP A 12 -23.74 -1.83 -5.19
N PHE A 13 -22.63 -2.26 -5.78
CA PHE A 13 -21.36 -2.44 -5.05
C PHE A 13 -20.18 -1.83 -5.80
N GLY A 14 -19.18 -1.37 -5.05
CA GLY A 14 -18.01 -0.73 -5.64
C GLY A 14 -16.69 -1.20 -5.05
N LEU A 15 -15.77 -1.59 -5.95
CA LEU A 15 -14.42 -2.06 -5.59
C LEU A 15 -13.32 -1.13 -6.07
N LEU A 16 -13.64 -0.30 -7.08
CA LEU A 16 -12.66 0.57 -7.73
C LEU A 16 -12.57 1.90 -7.01
N GLY A 17 -12.11 1.83 -5.76
CA GLY A 17 -12.10 2.96 -4.84
C GLY A 17 -12.42 2.37 -3.49
N PRO A 18 -12.71 3.23 -2.50
CA PRO A 18 -13.13 2.68 -1.20
C PRO A 18 -14.33 1.76 -1.39
N LEU A 19 -14.40 0.69 -0.60
CA LEU A 19 -15.50 -0.26 -0.69
C LEU A 19 -16.84 0.46 -0.55
N GLN A 20 -17.76 0.17 -1.47
CA GLN A 20 -19.09 0.79 -1.45
C GLN A 20 -20.19 -0.24 -1.56
N MET A 21 -21.18 -0.08 -0.68
CA MET A 21 -22.48 -0.72 -0.83
C MET A 21 -23.49 0.40 -0.86
N THR A 22 -24.27 0.46 -1.94
CA THR A 22 -25.28 1.51 -2.07
C THR A 22 -26.67 0.94 -2.33
N ILE A 23 -27.68 1.54 -1.70
CA ILE A 23 -29.08 1.14 -1.87
C ILE A 23 -29.86 2.36 -2.35
N ASP A 24 -30.46 2.24 -3.53
CA ASP A 24 -31.09 3.37 -4.22
C ASP A 24 -30.16 4.59 -4.38
N GLY A 25 -28.87 4.32 -4.60
CA GLY A 25 -27.87 5.36 -4.82
C GLY A 25 -27.28 5.97 -3.55
N THR A 26 -27.79 5.58 -2.40
CA THR A 26 -27.31 6.09 -1.12
C THR A 26 -26.31 5.10 -0.50
N PRO A 27 -25.07 5.56 -0.25
CA PRO A 27 -24.09 4.70 0.44
C PRO A 27 -24.59 4.21 1.80
N VAL A 28 -24.37 2.92 2.05
CA VAL A 28 -24.66 2.29 3.34
C VAL A 28 -23.33 1.86 3.96
N PRO A 29 -22.97 2.43 5.13
CA PRO A 29 -21.76 1.99 5.84
C PRO A 29 -21.83 0.49 6.14
N SER A 30 -20.78 -0.24 5.76
CA SER A 30 -20.82 -1.70 5.78
C SER A 30 -20.14 -2.38 6.98
N GLY A 31 -19.72 -1.59 7.97
CA GLY A 31 -19.24 -2.16 9.23
C GLY A 31 -17.80 -1.84 9.59
N THR A 32 -17.27 -2.57 10.57
CA THR A 32 -15.87 -2.48 10.99
C THR A 32 -14.97 -3.04 9.87
N PRO A 33 -13.66 -2.75 9.91
CA PRO A 33 -12.78 -3.24 8.83
C PRO A 33 -12.87 -4.74 8.54
N LYS A 34 -12.97 -5.58 9.58
CA LYS A 34 -13.05 -7.02 9.36
C LYS A 34 -14.34 -7.38 8.61
N GLN A 35 -15.46 -6.75 9.00
CA GLN A 35 -16.74 -6.98 8.33
C GLN A 35 -16.70 -6.50 6.87
N ARG A 36 -16.10 -5.33 6.64
CA ARG A 36 -15.93 -4.81 5.28
C ARG A 36 -15.05 -5.72 4.41
N ALA A 37 -13.99 -6.27 5.00
CA ALA A 37 -13.16 -7.24 4.30
C ALA A 37 -13.95 -8.48 3.86
N VAL A 38 -14.89 -8.93 4.69
CA VAL A 38 -15.78 -10.04 4.31
C VAL A 38 -16.58 -9.67 3.07
N LEU A 39 -17.20 -8.48 3.10
CA LEU A 39 -17.98 -7.99 1.97
C LEU A 39 -17.12 -7.87 0.71
N ALA A 40 -15.93 -7.27 0.84
CA ALA A 40 -15.00 -7.14 -0.29
C ALA A 40 -14.69 -8.51 -0.91
N MET A 41 -14.36 -9.49 -0.06
CA MET A 41 -14.05 -10.84 -0.54
C MET A 41 -15.22 -11.46 -1.30
N LEU A 42 -16.43 -11.24 -0.80
CA LEU A 42 -17.65 -11.75 -1.44
C LEU A 42 -17.95 -11.08 -2.78
N VAL A 43 -17.72 -9.77 -2.86
CA VAL A 43 -17.91 -9.00 -4.10
C VAL A 43 -16.84 -9.36 -5.15
N ILE A 44 -15.61 -9.51 -4.70
CA ILE A 44 -14.50 -9.94 -5.55
C ILE A 44 -14.82 -11.31 -6.20
N ASN A 45 -15.42 -12.18 -5.40
CA ASN A 45 -15.77 -13.53 -5.82
C ASN A 45 -17.26 -13.67 -6.09
N ARG A 46 -17.88 -12.59 -6.56
CA ARG A 46 -19.32 -12.56 -6.80
C ARG A 46 -19.77 -13.77 -7.62
N ASN A 47 -20.90 -14.35 -7.20
CA ASN A 47 -21.50 -15.54 -7.82
C ASN A 47 -20.67 -16.84 -7.68
N ARG A 48 -19.68 -16.80 -6.80
CA ARG A 48 -18.90 -17.98 -6.42
C ARG A 48 -18.85 -18.11 -4.90
N PRO A 49 -18.85 -19.35 -4.37
CA PRO A 49 -18.69 -19.54 -2.94
C PRO A 49 -17.30 -19.16 -2.46
N VAL A 50 -17.23 -18.50 -1.31
CA VAL A 50 -15.97 -18.21 -0.62
C VAL A 50 -16.00 -18.98 0.69
N GLY A 51 -15.01 -19.86 0.88
CA GLY A 51 -14.92 -20.68 2.07
C GLY A 51 -14.64 -19.87 3.32
N VAL A 52 -15.13 -20.37 4.46
CA VAL A 52 -14.85 -19.76 5.77
C VAL A 52 -13.34 -19.69 6.05
N ASP A 53 -12.60 -20.74 5.68
CA ASP A 53 -11.14 -20.73 5.86
C ASP A 53 -10.48 -19.60 5.06
N ALA A 54 -10.96 -19.37 3.84
CA ALA A 54 -10.46 -18.28 3.00
C ALA A 54 -10.76 -16.90 3.59
N LEU A 55 -11.94 -16.77 4.19
CA LEU A 55 -12.31 -15.50 4.84
C LEU A 55 -11.42 -15.23 6.04
N ILE A 56 -11.18 -16.25 6.86
CA ILE A 56 -10.33 -16.12 8.05
C ILE A 56 -8.91 -15.66 7.70
N THR A 57 -8.31 -16.31 6.68
CA THR A 57 -6.98 -15.93 6.18
C THR A 57 -6.94 -14.49 5.68
N ALA A 58 -7.95 -14.09 4.91
CA ALA A 58 -8.02 -12.72 4.38
C ALA A 58 -8.13 -11.66 5.50
N LEU A 59 -8.92 -11.95 6.53
CA LEU A 59 -9.15 -10.98 7.62
C LEU A 59 -8.00 -10.91 8.63
N TRP A 60 -7.47 -12.06 9.01
CA TRP A 60 -6.53 -12.11 10.13
C TRP A 60 -5.15 -12.68 9.75
N GLU A 61 -4.94 -12.89 8.45
CA GLU A 61 -3.79 -13.63 7.94
C GLU A 61 -3.15 -14.55 8.98
N GLU A 62 -2.15 -14.03 9.68
CA GLU A 62 -1.29 -14.84 10.53
C GLU A 62 -1.81 -15.09 11.97
N TRP A 63 -2.75 -14.27 12.44
CA TRP A 63 -3.19 -14.30 13.84
C TRP A 63 -4.72 -14.22 14.05
N PRO A 64 -5.47 -15.26 13.65
CA PRO A 64 -6.91 -15.18 13.93
C PRO A 64 -7.22 -15.34 15.43
N PRO A 65 -8.22 -14.61 15.94
CA PRO A 65 -8.60 -14.80 17.35
C PRO A 65 -9.29 -16.16 17.50
N SER A 66 -9.36 -16.67 18.73
CA SER A 66 -9.92 -17.99 18.97
C SER A 66 -11.42 -18.11 18.61
N GLY A 67 -12.14 -16.98 18.62
CA GLY A 67 -13.53 -16.93 18.18
C GLY A 67 -13.76 -16.40 16.77
N ALA A 68 -12.78 -16.59 15.88
CA ALA A 68 -12.83 -16.11 14.50
C ALA A 68 -14.08 -16.55 13.74
N ARG A 69 -14.46 -17.82 13.91
CA ARG A 69 -15.64 -18.36 13.22
C ARG A 69 -16.96 -17.77 13.70
N ALA A 70 -17.09 -17.57 15.02
CA ALA A 70 -18.25 -16.84 15.57
C ALA A 70 -18.34 -15.42 15.00
N SER A 71 -17.18 -14.76 14.88
CA SER A 71 -17.11 -13.43 14.28
C SER A 71 -17.58 -13.42 12.83
N ILE A 72 -17.15 -14.40 12.04
CA ILE A 72 -17.59 -14.54 10.64
C ILE A 72 -19.12 -14.69 10.56
N HIS A 73 -19.68 -15.57 11.37
CA HIS A 73 -21.16 -15.71 11.47
C HIS A 73 -21.85 -14.38 11.79
N SER A 74 -21.28 -13.61 12.74
CA SER A 74 -21.80 -12.28 13.09
C SER A 74 -21.71 -11.30 11.93
N TYR A 75 -20.57 -11.29 11.23
CA TYR A 75 -20.39 -10.41 10.06
C TYR A 75 -21.39 -10.71 8.95
N VAL A 76 -21.64 -12.00 8.70
CA VAL A 76 -22.64 -12.43 7.70
C VAL A 76 -24.05 -12.00 8.09
N SER A 77 -24.40 -12.19 9.35
CA SER A 77 -25.69 -11.76 9.90
C SER A 77 -25.87 -10.25 9.79
N ASN A 78 -24.84 -9.50 10.17
CA ASN A 78 -24.83 -8.03 10.05
C ASN A 78 -25.01 -7.56 8.62
N LEU A 79 -24.24 -8.16 7.71
CA LEU A 79 -24.28 -7.80 6.29
C LEU A 79 -25.64 -8.13 5.67
N ARG A 80 -26.25 -9.23 6.11
CA ARG A 80 -27.60 -9.60 5.67
C ARG A 80 -28.65 -8.58 6.09
N LYS A 81 -28.53 -8.05 7.31
CA LYS A 81 -29.42 -6.99 7.80
C LYS A 81 -29.35 -5.74 6.94
N LEU A 82 -28.13 -5.38 6.55
CA LEU A 82 -27.88 -4.25 5.66
C LEU A 82 -28.47 -4.50 4.28
N LEU A 83 -28.23 -5.70 3.73
CA LEU A 83 -28.78 -6.08 2.41
C LEU A 83 -30.31 -6.12 2.41
N GLY A 84 -30.91 -6.49 3.54
CA GLY A 84 -32.36 -6.51 3.71
C GLY A 84 -33.03 -5.17 3.50
N GLY A 85 -32.25 -4.10 3.62
CA GLY A 85 -32.72 -2.74 3.35
C GLY A 85 -33.09 -2.46 1.91
N ALA A 86 -32.60 -3.30 0.99
CA ALA A 86 -32.95 -3.22 -0.44
C ALA A 86 -34.23 -3.99 -0.78
N GLY A 87 -34.88 -4.55 0.24
CA GLY A 87 -36.17 -5.20 0.09
C GLY A 87 -36.15 -6.60 -0.52
N ILE A 88 -34.98 -7.22 -0.54
CA ILE A 88 -34.80 -8.57 -1.08
C ILE A 88 -34.66 -9.60 0.06
N ASP A 89 -34.57 -10.88 -0.28
CA ASP A 89 -34.30 -11.93 0.70
C ASP A 89 -32.78 -12.03 0.87
N PRO A 90 -32.26 -11.58 2.02
CA PRO A 90 -30.81 -11.57 2.31
C PRO A 90 -30.19 -12.96 2.32
N ARG A 91 -30.98 -13.97 2.70
CA ARG A 91 -30.53 -15.36 2.71
C ARG A 91 -30.39 -15.93 1.29
N VAL A 92 -31.11 -15.34 0.33
CA VAL A 92 -30.92 -15.68 -1.09
C VAL A 92 -29.72 -14.94 -1.69
N VAL A 93 -29.66 -13.63 -1.44
CA VAL A 93 -28.60 -12.77 -1.99
C VAL A 93 -27.22 -13.11 -1.42
N LEU A 94 -27.14 -13.29 -0.11
CA LEU A 94 -25.92 -13.76 0.54
C LEU A 94 -26.23 -15.12 1.15
N ALA A 95 -26.06 -16.15 0.34
CA ALA A 95 -26.48 -17.51 0.70
C ALA A 95 -25.36 -18.28 1.36
N ALA A 96 -25.74 -19.15 2.29
CA ALA A 96 -24.80 -19.98 3.01
C ALA A 96 -24.64 -21.29 2.26
N ALA A 97 -23.47 -21.46 1.66
CA ALA A 97 -23.07 -22.76 1.15
C ALA A 97 -22.46 -23.59 2.29
N PRO A 98 -22.73 -24.90 2.31
CA PRO A 98 -21.80 -25.80 3.01
C PRO A 98 -20.30 -25.55 2.65
N PRO A 99 -19.97 -25.32 1.35
CA PRO A 99 -18.65 -24.75 1.00
C PRO A 99 -18.25 -23.46 1.77
N GLY A 100 -19.08 -22.43 1.70
CA GLY A 100 -18.82 -21.18 2.41
C GLY A 100 -19.98 -20.22 2.27
N TYR A 101 -19.71 -19.03 1.75
CA TYR A 101 -20.76 -18.06 1.48
C TYR A 101 -20.68 -17.53 0.06
N ARG A 102 -21.82 -17.22 -0.54
CA ARG A 102 -21.88 -16.74 -1.92
C ARG A 102 -22.78 -15.53 -2.06
N LEU A 103 -22.21 -14.44 -2.58
CA LEU A 103 -22.98 -13.26 -2.91
C LEU A 103 -23.46 -13.37 -4.36
N SER A 104 -24.77 -13.51 -4.53
CA SER A 104 -25.36 -13.61 -5.86
C SER A 104 -25.89 -12.26 -6.32
N ILE A 105 -25.10 -11.60 -7.17
CA ILE A 105 -25.44 -10.30 -7.76
C ILE A 105 -25.11 -10.29 -9.26
N PRO A 106 -25.93 -9.64 -10.08
CA PRO A 106 -25.55 -9.45 -11.49
C PRO A 106 -24.22 -8.70 -11.61
N ASP A 107 -23.42 -9.08 -12.60
CA ASP A 107 -22.12 -8.43 -12.85
C ASP A 107 -22.19 -6.92 -13.01
N ASN A 108 -23.22 -6.45 -13.72
CA ASN A 108 -23.37 -5.03 -14.00
C ASN A 108 -23.81 -4.19 -12.80
N THR A 109 -24.00 -4.84 -11.65
CA THR A 109 -24.32 -4.13 -10.40
C THR A 109 -23.06 -3.93 -9.53
N CYS A 110 -21.91 -4.16 -10.14
CA CYS A 110 -20.59 -3.99 -9.53
C CYS A 110 -19.80 -3.02 -10.43
N ASP A 111 -19.09 -2.05 -9.86
CA ASP A 111 -18.31 -1.13 -10.71
C ASP A 111 -17.26 -1.85 -11.57
N LEU A 112 -16.57 -2.84 -11.01
CA LEU A 112 -15.63 -3.66 -11.77
C LEU A 112 -16.32 -4.45 -12.91
N GLY A 113 -17.49 -5.01 -12.61
CA GLY A 113 -18.31 -5.69 -13.62
C GLY A 113 -18.65 -4.81 -14.81
N ARG A 114 -19.00 -3.56 -14.54
CA ARG A 114 -19.25 -2.57 -15.60
C ARG A 114 -17.96 -2.20 -16.36
N PHE A 115 -16.85 -2.06 -15.63
CA PHE A 115 -15.54 -1.80 -16.25
C PHE A 115 -15.21 -2.91 -17.24
N VAL A 116 -15.36 -4.15 -16.81
CA VAL A 116 -15.09 -5.32 -17.65
C VAL A 116 -15.97 -5.30 -18.91
N ALA A 117 -17.27 -5.04 -18.73
CA ALA A 117 -18.23 -5.06 -19.85
C ALA A 117 -17.96 -3.99 -20.90
N GLU A 118 -17.64 -2.78 -20.44
CA GLU A 118 -17.35 -1.66 -21.33
C GLU A 118 -16.04 -1.82 -22.07
N LYS A 119 -14.99 -2.24 -21.37
CA LYS A 119 -13.70 -2.55 -21.99
C LYS A 119 -13.87 -3.57 -23.12
N THR A 120 -14.58 -4.65 -22.83
CA THR A 120 -14.88 -5.71 -23.79
C THR A 120 -15.62 -5.19 -25.04
N ALA A 121 -16.68 -4.42 -24.81
CA ALA A 121 -17.41 -3.77 -25.90
C ALA A 121 -16.50 -2.87 -26.76
N GLY A 122 -15.59 -2.15 -26.10
CA GLY A 122 -14.60 -1.32 -26.79
C GLY A 122 -13.64 -2.12 -27.64
N VAL A 123 -13.26 -3.31 -27.17
CA VAL A 123 -12.42 -4.24 -27.96
C VAL A 123 -13.09 -4.67 -29.26
N HIS A 124 -14.33 -5.16 -29.19
CA HIS A 124 -15.06 -5.62 -30.38
C HIS A 124 -15.31 -4.49 -31.38
N ALA A 125 -15.59 -3.29 -30.87
CA ALA A 125 -15.78 -2.11 -31.71
C ALA A 125 -14.52 -1.74 -32.49
N ALA A 126 -13.38 -1.69 -31.80
CA ALA A 126 -12.09 -1.36 -32.44
C ALA A 126 -11.69 -2.42 -33.48
N ALA A 127 -11.92 -3.69 -33.14
CA ALA A 127 -11.64 -4.80 -34.05
C ALA A 127 -12.42 -4.68 -35.36
N ALA A 128 -13.59 -4.02 -35.29
CA ALA A 128 -14.43 -3.81 -36.46
C ALA A 128 -14.19 -2.47 -37.16
N GLY A 129 -13.21 -1.71 -36.66
CA GLY A 129 -12.87 -0.40 -37.24
C GLY A 129 -13.81 0.71 -36.78
N ARG A 130 -14.60 0.42 -35.75
CA ARG A 130 -15.55 1.40 -35.19
C ARG A 130 -14.89 2.15 -34.03
N PHE A 131 -13.95 3.03 -34.39
CA PHE A 131 -13.07 3.67 -33.41
C PHE A 131 -13.76 4.72 -32.54
N GLU A 132 -14.72 5.45 -33.11
CA GLU A 132 -15.49 6.43 -32.33
C GLU A 132 -16.26 5.73 -31.21
N GLN A 133 -16.88 4.60 -31.53
CA GLN A 133 -17.62 3.81 -30.55
C GLN A 133 -16.71 3.13 -29.52
N ALA A 134 -15.58 2.60 -29.99
CA ALA A 134 -14.55 2.03 -29.10
C ALA A 134 -14.11 3.04 -28.06
N SER A 135 -13.86 4.27 -28.50
CA SER A 135 -13.45 5.35 -27.59
C SER A 135 -14.52 5.68 -26.57
N ARG A 136 -15.79 5.69 -27.00
CA ARG A 136 -16.94 5.90 -26.10
C ARG A 136 -17.07 4.82 -25.02
N HIS A 137 -16.91 3.55 -25.40
CA HIS A 137 -16.96 2.44 -24.44
C HIS A 137 -15.82 2.54 -23.42
N LEU A 138 -14.64 2.92 -23.90
CA LEU A 138 -13.45 3.05 -23.06
C LEU A 138 -13.55 4.22 -22.07
N SER A 139 -14.14 5.33 -22.51
CA SER A 139 -14.47 6.43 -21.61
C SER A 139 -15.40 5.97 -20.47
N ALA A 140 -16.39 5.16 -20.84
CA ALA A 140 -17.37 4.61 -19.90
C ALA A 140 -16.70 3.70 -18.88
N ALA A 141 -15.81 2.83 -19.34
CA ALA A 141 -15.01 1.96 -18.47
C ALA A 141 -14.20 2.75 -17.44
N LEU A 142 -13.45 3.74 -17.91
CA LEU A 142 -12.57 4.54 -17.05
C LEU A 142 -13.33 5.37 -16.02
N ARG A 143 -14.57 5.75 -16.36
CA ARG A 143 -15.47 6.46 -15.45
C ARG A 143 -15.86 5.66 -14.21
N GLU A 144 -15.73 4.33 -14.28
CA GLU A 144 -16.08 3.46 -13.16
C GLU A 144 -15.07 3.52 -12.00
N TRP A 145 -13.90 4.07 -12.28
CA TRP A 145 -12.83 4.20 -11.29
C TRP A 145 -13.00 5.46 -10.43
N ARG A 146 -13.09 5.27 -9.12
CA ARG A 146 -13.33 6.37 -8.17
C ARG A 146 -12.06 6.78 -7.43
N GLY A 147 -11.19 5.82 -7.19
CA GLY A 147 -9.98 6.03 -6.41
C GLY A 147 -9.20 4.74 -6.32
N PRO A 148 -8.24 4.66 -5.38
CA PRO A 148 -7.44 3.44 -5.20
C PRO A 148 -8.33 2.24 -4.85
N VAL A 149 -8.05 1.10 -5.48
CA VAL A 149 -8.82 -0.13 -5.25
C VAL A 149 -8.87 -0.48 -3.76
N LEU A 150 -10.09 -0.64 -3.25
CA LEU A 150 -10.34 -0.95 -1.82
C LEU A 150 -9.49 -0.08 -0.89
N ASP A 151 -9.51 1.22 -1.16
CA ASP A 151 -8.69 2.22 -0.48
C ASP A 151 -8.81 2.13 1.06
N ASP A 152 -10.03 1.89 1.54
CA ASP A 152 -10.30 1.84 2.99
C ASP A 152 -9.82 0.55 3.66
N LEU A 153 -9.36 -0.40 2.86
CA LEU A 153 -8.90 -1.69 3.37
C LEU A 153 -7.44 -1.96 2.98
N ARG A 154 -6.69 -0.89 2.70
CA ARG A 154 -5.31 -1.00 2.22
C ARG A 154 -4.37 -1.71 3.21
N ASP A 155 -4.78 -1.79 4.48
CA ASP A 155 -3.99 -2.47 5.51
C ASP A 155 -4.22 -3.99 5.53
N PHE A 156 -5.08 -4.49 4.65
CA PHE A 156 -5.29 -5.94 4.48
C PHE A 156 -4.42 -6.42 3.32
N GLN A 157 -3.65 -7.49 3.56
CA GLN A 157 -2.71 -7.99 2.56
C GLN A 157 -3.38 -8.42 1.25
N PHE A 158 -4.56 -9.04 1.33
CA PHE A 158 -5.25 -9.54 0.13
C PHE A 158 -5.54 -8.43 -0.89
N VAL A 159 -5.68 -7.20 -0.40
CA VAL A 159 -5.95 -6.03 -1.26
C VAL A 159 -4.80 -5.77 -2.24
N GLU A 160 -3.57 -5.97 -1.77
CA GLU A 160 -2.36 -5.62 -2.53
C GLU A 160 -2.23 -6.26 -3.93
N PRO A 161 -2.23 -7.61 -4.01
CA PRO A 161 -2.10 -8.21 -5.35
C PRO A 161 -3.32 -7.93 -6.25
N PHE A 162 -4.51 -7.83 -5.65
CA PHE A 162 -5.73 -7.54 -6.39
C PHE A 162 -5.68 -6.13 -6.99
N ALA A 163 -5.31 -5.15 -6.17
CA ALA A 163 -5.18 -3.76 -6.63
C ALA A 163 -4.12 -3.63 -7.71
N THR A 164 -2.99 -4.29 -7.51
CA THR A 164 -1.87 -4.32 -8.46
C THR A 164 -2.28 -4.94 -9.80
N ALA A 165 -3.00 -6.05 -9.76
CA ALA A 165 -3.54 -6.70 -10.96
C ALA A 165 -4.46 -5.78 -11.74
N LEU A 166 -5.34 -5.06 -11.05
CA LEU A 166 -6.30 -4.15 -11.70
C LEU A 166 -5.65 -2.95 -12.38
N VAL A 167 -4.45 -2.57 -11.97
CA VAL A 167 -3.66 -1.55 -12.71
C VAL A 167 -3.24 -2.04 -14.10
N GLU A 168 -2.96 -3.33 -14.25
CA GLU A 168 -2.71 -3.89 -15.59
C GLU A 168 -3.88 -3.53 -16.50
N ASP A 169 -5.09 -3.76 -15.99
CA ASP A 169 -6.32 -3.52 -16.74
C ASP A 169 -6.57 -2.05 -17.01
N LYS A 170 -6.37 -1.19 -16.01
CA LYS A 170 -6.59 0.24 -16.20
C LYS A 170 -5.63 0.82 -17.25
N VAL A 171 -4.35 0.46 -17.15
CA VAL A 171 -3.33 0.87 -18.12
C VAL A 171 -3.70 0.43 -19.54
N LEU A 172 -4.14 -0.82 -19.69
CA LEU A 172 -4.61 -1.34 -20.97
C LEU A 172 -5.78 -0.53 -21.55
N ALA A 173 -6.69 -0.10 -20.68
CA ALA A 173 -7.86 0.69 -21.09
C ALA A 173 -7.44 2.10 -21.52
N HIS A 174 -6.55 2.73 -20.75
CA HIS A 174 -5.94 4.01 -21.14
C HIS A 174 -5.26 3.94 -22.50
N THR A 175 -4.50 2.85 -22.73
CA THR A 175 -3.77 2.65 -23.98
C THR A 175 -4.72 2.45 -25.17
N ALA A 176 -5.73 1.59 -25.00
CA ALA A 176 -6.74 1.36 -26.04
C ALA A 176 -7.54 2.63 -26.35
N LYS A 177 -7.78 3.46 -25.33
CA LYS A 177 -8.47 4.74 -25.52
C LYS A 177 -7.61 5.70 -26.36
N ALA A 178 -6.31 5.80 -26.03
CA ALA A 178 -5.36 6.58 -26.81
C ALA A 178 -5.28 6.13 -28.27
N GLU A 179 -5.20 4.81 -28.47
CA GLU A 179 -5.23 4.23 -29.82
C GLU A 179 -6.46 4.63 -30.64
N ALA A 180 -7.63 4.56 -30.02
CA ALA A 180 -8.90 4.90 -30.67
C ALA A 180 -8.93 6.37 -31.05
N GLU A 181 -8.59 7.24 -30.10
CA GLU A 181 -8.53 8.68 -30.33
C GLU A 181 -7.56 9.03 -31.46
N ILE A 182 -6.37 8.44 -31.44
CA ILE A 182 -5.38 8.62 -32.51
C ILE A 182 -5.92 8.11 -33.86
N ALA A 183 -6.57 6.94 -33.84
CA ALA A 183 -7.22 6.41 -35.06
C ALA A 183 -8.34 7.32 -35.60
N CYS A 184 -8.97 8.10 -34.72
CA CYS A 184 -10.02 9.04 -35.12
C CYS A 184 -9.49 10.41 -35.57
N GLY A 185 -8.17 10.59 -35.51
CA GLY A 185 -7.57 11.85 -35.94
C GLY A 185 -7.33 12.88 -34.85
N ARG A 186 -7.47 12.47 -33.59
CA ARG A 186 -7.31 13.39 -32.46
C ARG A 186 -6.04 13.16 -31.64
N ALA A 187 -4.92 12.92 -32.34
CA ALA A 187 -3.62 12.75 -31.71
C ALA A 187 -3.21 13.93 -30.81
N SER A 188 -3.46 15.16 -31.28
CA SER A 188 -3.06 16.37 -30.55
C SER A 188 -3.81 16.53 -29.23
N ALA A 189 -5.05 16.05 -29.20
CA ALA A 189 -5.90 16.19 -28.02
C ALA A 189 -5.62 15.17 -26.92
N VAL A 190 -4.84 14.13 -27.23
CA VAL A 190 -4.46 13.13 -26.20
C VAL A 190 -3.05 13.28 -25.61
N ILE A 191 -2.24 14.15 -26.20
CA ILE A 191 -0.84 14.34 -25.78
C ILE A 191 -0.72 14.67 -24.28
N ALA A 192 -1.55 15.61 -23.81
CA ALA A 192 -1.49 16.07 -22.42
C ALA A 192 -1.76 14.95 -21.41
N GLU A 193 -2.81 14.15 -21.65
CA GLU A 193 -3.16 13.04 -20.76
C GLU A 193 -2.10 11.93 -20.76
N LEU A 194 -1.54 11.66 -21.95
CA LEU A 194 -0.45 10.72 -22.12
C LEU A 194 0.82 11.19 -21.39
N GLU A 195 1.11 12.49 -21.46
CA GLU A 195 2.22 13.09 -20.70
C GLU A 195 2.03 12.87 -19.18
N ALA A 196 0.81 13.12 -18.70
CA ALA A 196 0.45 12.82 -17.30
C ALA A 196 0.58 11.34 -16.96
N LEU A 197 0.09 10.48 -17.86
CA LEU A 197 0.11 9.04 -17.66
C LEU A 197 1.51 8.42 -17.67
N THR A 198 2.40 8.91 -18.53
CA THR A 198 3.77 8.40 -18.60
C THR A 198 4.61 8.82 -17.38
N PHE A 199 4.21 9.90 -16.72
CA PHE A 199 4.84 10.27 -15.46
C PHE A 199 4.40 9.35 -14.32
N GLU A 200 3.09 9.07 -14.26
CA GLU A 200 2.51 8.17 -13.26
C GLU A 200 2.89 6.71 -13.48
N HIS A 201 3.04 6.33 -14.77
CA HIS A 201 3.42 4.98 -15.17
C HIS A 201 4.67 4.99 -16.09
N PRO A 202 5.83 5.42 -15.57
CA PRO A 202 7.02 5.66 -16.41
C PRO A 202 7.63 4.43 -17.10
N TYR A 203 7.33 3.23 -16.60
CA TYR A 203 7.91 2.00 -17.14
C TYR A 203 6.97 1.25 -18.07
N ARG A 204 5.82 1.85 -18.38
CA ARG A 204 4.81 1.24 -19.23
C ARG A 204 5.06 1.60 -20.69
N GLU A 205 5.81 0.76 -21.38
CA GLU A 205 6.18 1.00 -22.79
C GLU A 205 4.99 1.25 -23.73
N PRO A 206 3.88 0.47 -23.60
CA PRO A 206 2.70 0.76 -24.45
C PRO A 206 2.14 2.18 -24.33
N LEU A 207 2.23 2.78 -23.15
CA LEU A 207 1.83 4.19 -22.98
C LEU A 207 2.79 5.13 -23.71
N TRP A 208 4.10 4.87 -23.59
CA TRP A 208 5.11 5.63 -24.32
C TRP A 208 4.92 5.50 -25.83
N THR A 209 4.61 4.29 -26.30
CA THR A 209 4.35 4.04 -27.71
C THR A 209 3.24 4.97 -28.24
N GLN A 210 2.17 5.12 -27.46
CA GLN A 210 1.06 5.99 -27.86
C GLN A 210 1.40 7.48 -27.80
N LEU A 211 2.19 7.90 -26.81
CA LEU A 211 2.62 9.30 -26.71
C LEU A 211 3.54 9.69 -27.87
N ILE A 212 4.53 8.85 -28.14
CA ILE A 212 5.46 9.08 -29.26
C ILE A 212 4.69 9.16 -30.58
N THR A 213 3.76 8.23 -30.77
CA THR A 213 2.86 8.22 -31.94
C THR A 213 2.07 9.52 -32.06
N ALA A 214 1.48 9.96 -30.95
CA ALA A 214 0.68 11.19 -30.90
C ALA A 214 1.47 12.46 -31.26
N TYR A 215 2.70 12.58 -30.76
CA TYR A 215 3.59 13.69 -31.15
C TYR A 215 3.85 13.69 -32.65
N TYR A 216 4.23 12.51 -33.17
CA TYR A 216 4.61 12.34 -34.57
C TYR A 216 3.47 12.69 -35.54
N LEU A 217 2.25 12.30 -35.17
CA LEU A 217 1.07 12.56 -36.00
C LEU A 217 0.47 13.94 -35.74
N SER A 218 1.06 14.69 -34.81
CA SER A 218 0.68 16.08 -34.56
C SER A 218 1.75 17.05 -35.07
N ASP A 219 2.49 16.61 -36.10
CA ASP A 219 3.58 17.39 -36.71
C ASP A 219 4.59 17.88 -35.65
N ARG A 220 4.94 16.99 -34.73
CA ARG A 220 5.93 17.28 -33.69
C ARG A 220 6.97 16.17 -33.65
N GLN A 221 7.67 15.98 -34.78
CA GLN A 221 8.65 14.89 -34.92
C GLN A 221 9.77 14.95 -33.88
N SER A 222 10.31 16.14 -33.65
CA SER A 222 11.41 16.31 -32.72
C SER A 222 11.02 15.95 -31.28
N ASP A 223 9.78 16.27 -30.91
CA ASP A 223 9.22 15.89 -29.61
C ASP A 223 9.05 14.37 -29.49
N ALA A 224 8.64 13.72 -30.59
CA ALA A 224 8.51 12.28 -30.61
C ALA A 224 9.86 11.60 -30.36
N LEU A 225 10.88 12.04 -31.08
CA LEU A 225 12.24 11.54 -30.91
C LEU A 225 12.78 11.81 -29.51
N GLY A 226 12.46 12.97 -28.98
CA GLY A 226 12.85 13.35 -27.62
C GLY A 226 12.19 12.49 -26.56
N ALA A 227 10.94 12.12 -26.80
CA ALA A 227 10.21 11.23 -25.90
C ALA A 227 10.79 9.82 -25.90
N TYR A 228 11.21 9.31 -27.08
CA TYR A 228 11.87 8.01 -27.15
C TYR A 228 13.20 8.02 -26.38
N ARG A 229 13.99 9.09 -26.54
CA ARG A 229 15.24 9.26 -25.81
C ARG A 229 15.01 9.28 -24.29
N ARG A 230 13.91 9.91 -23.88
CA ARG A 230 13.51 9.99 -22.48
C ARG A 230 13.18 8.62 -21.86
N VAL A 231 12.31 7.84 -22.53
CA VAL A 231 11.99 6.49 -22.05
C VAL A 231 13.22 5.56 -22.14
N LYS A 232 14.04 5.73 -23.17
CA LYS A 232 15.29 4.98 -23.28
C LYS A 232 16.17 5.18 -22.03
N THR A 233 16.41 6.44 -21.67
CA THR A 233 17.19 6.78 -20.48
C THR A 233 16.56 6.23 -19.19
N THR A 234 15.24 6.39 -19.05
CA THR A 234 14.49 5.88 -17.90
C THR A 234 14.65 4.38 -17.72
N LEU A 235 14.40 3.62 -18.79
CA LEU A 235 14.51 2.16 -18.74
C LEU A 235 15.94 1.68 -18.46
N ALA A 236 16.92 2.35 -19.09
CA ALA A 236 18.34 2.06 -18.87
C ALA A 236 18.77 2.32 -17.43
N ASP A 237 18.56 3.55 -16.95
CA ASP A 237 18.99 3.93 -15.61
C ASP A 237 18.23 3.20 -14.49
N ASP A 238 16.90 3.16 -14.60
CA ASP A 238 16.04 2.67 -13.53
C ASP A 238 15.94 1.15 -13.45
N LEU A 239 15.97 0.49 -14.61
CA LEU A 239 15.70 -0.95 -14.69
C LEU A 239 16.81 -1.75 -15.36
N GLY A 240 17.72 -1.05 -16.04
CA GLY A 240 18.84 -1.69 -16.73
C GLY A 240 18.46 -2.49 -17.96
N ILE A 241 17.35 -2.12 -18.59
CA ILE A 241 16.88 -2.77 -19.82
C ILE A 241 16.83 -1.79 -21.00
N ASP A 242 16.83 -2.34 -22.21
CA ASP A 242 16.61 -1.58 -23.43
C ASP A 242 15.12 -1.49 -23.72
N PRO A 243 14.69 -0.51 -24.53
CA PRO A 243 13.30 -0.49 -24.97
C PRO A 243 13.00 -1.73 -25.81
N GLY A 244 11.76 -2.22 -25.75
CA GLY A 244 11.33 -3.38 -26.50
C GLY A 244 11.24 -3.12 -27.99
N PRO A 245 10.95 -4.18 -28.78
CA PRO A 245 10.93 -4.08 -30.24
C PRO A 245 9.86 -3.13 -30.80
N THR A 246 8.72 -3.01 -30.12
CA THR A 246 7.66 -2.09 -30.55
C THR A 246 8.15 -0.63 -30.53
N LEU A 247 8.76 -0.23 -29.41
CA LEU A 247 9.35 1.12 -29.30
C LEU A 247 10.49 1.35 -30.28
N ARG A 248 11.40 0.37 -30.39
CA ARG A 248 12.55 0.49 -31.30
C ARG A 248 12.12 0.62 -32.76
N ALA A 249 11.08 -0.12 -33.16
CA ALA A 249 10.59 -0.06 -34.55
C ALA A 249 9.93 1.27 -34.86
N LEU A 250 9.22 1.83 -33.87
CA LEU A 250 8.57 3.13 -33.98
C LEU A 250 9.63 4.23 -34.15
N ASN A 251 10.65 4.20 -33.30
CA ASN A 251 11.78 5.11 -33.39
C ASN A 251 12.42 5.11 -34.79
N GLU A 252 12.65 3.91 -35.34
CA GLU A 252 13.27 3.77 -36.65
C GLU A 252 12.44 4.34 -37.80
N ARG A 253 11.11 4.22 -37.71
CA ARG A 253 10.19 4.83 -38.68
C ARG A 253 10.24 6.36 -38.62
N ILE A 254 10.23 6.90 -37.41
CA ILE A 254 10.27 8.36 -37.22
C ILE A 254 11.59 8.98 -37.70
N LEU A 255 12.70 8.31 -37.42
CA LEU A 255 14.03 8.74 -37.90
C LEU A 255 14.08 8.83 -39.43
N ARG A 256 13.34 7.96 -40.11
CA ARG A 256 13.27 7.91 -41.56
C ARG A 256 12.12 8.74 -42.16
N GLN A 257 11.36 9.42 -41.30
CA GLN A 257 10.16 10.17 -41.69
C GLN A 257 9.15 9.31 -42.47
N GLN A 258 9.09 8.02 -42.10
CA GLN A 258 8.15 7.07 -42.68
C GLN A 258 6.75 7.28 -42.10
N PRO A 259 5.69 6.97 -42.90
CA PRO A 259 4.32 7.11 -42.42
C PRO A 259 3.92 6.05 -41.38
N LEU A 260 2.98 6.41 -40.51
CA LEU A 260 2.36 5.47 -39.59
C LEU A 260 0.94 5.16 -40.07
N ASP A 261 0.42 3.99 -39.69
CA ASP A 261 -0.97 3.61 -39.99
C ASP A 261 -1.68 3.37 -38.66
N ALA A 262 -2.20 4.45 -38.08
CA ALA A 262 -2.83 4.42 -36.76
C ALA A 262 -4.12 3.61 -36.71
N LYS A 263 -4.86 3.61 -37.81
CA LYS A 263 -6.10 2.84 -37.90
C LYS A 263 -5.81 1.34 -37.93
N LYS A 264 -4.83 0.96 -38.75
CA LYS A 264 -4.40 -0.45 -38.83
C LYS A 264 -3.89 -0.93 -37.47
N SER A 265 -3.08 -0.10 -36.82
CA SER A 265 -2.53 -0.39 -35.49
C SER A 265 -3.61 -0.67 -34.45
N ALA A 266 -4.61 0.22 -34.38
CA ALA A 266 -5.70 0.09 -33.42
C ALA A 266 -6.57 -1.15 -33.67
N LYS A 267 -6.79 -1.48 -34.95
CA LYS A 267 -7.50 -2.71 -35.34
C LYS A 267 -6.73 -3.99 -34.97
N THR A 268 -5.41 -3.97 -35.23
CA THR A 268 -4.53 -5.10 -34.95
C THR A 268 -4.44 -5.40 -33.45
N THR A 269 -4.34 -4.35 -32.62
CA THR A 269 -4.31 -4.52 -31.16
C THR A 269 -5.60 -5.17 -30.67
N ALA A 270 -6.73 -4.67 -31.15
CA ALA A 270 -8.04 -5.17 -30.75
C ALA A 270 -8.27 -6.63 -31.15
N ALA A 271 -7.83 -6.98 -32.36
CA ALA A 271 -7.93 -8.35 -32.86
C ALA A 271 -7.17 -9.33 -31.97
N GLY A 272 -5.99 -8.92 -31.50
CA GLY A 272 -5.22 -9.70 -30.54
C GLY A 272 -5.98 -9.91 -29.24
N THR A 273 -6.61 -8.85 -28.74
CA THR A 273 -7.39 -8.93 -27.50
C THR A 273 -8.64 -9.80 -27.64
N VAL A 274 -9.26 -9.79 -28.82
CA VAL A 274 -10.40 -10.66 -29.10
C VAL A 274 -10.00 -12.13 -28.98
N THR A 275 -8.79 -12.46 -29.40
CA THR A 275 -8.25 -13.82 -29.27
C THR A 275 -8.19 -14.25 -27.78
N VAL A 276 -7.73 -13.35 -26.93
CA VAL A 276 -7.67 -13.56 -25.48
C VAL A 276 -9.08 -13.76 -24.90
N LEU A 277 -10.01 -12.90 -25.33
CA LEU A 277 -11.40 -12.99 -24.91
C LEU A 277 -12.01 -14.35 -25.30
N ASP A 278 -11.65 -14.81 -26.50
CA ASP A 278 -12.12 -16.09 -27.02
C ASP A 278 -11.63 -17.27 -26.18
N GLN A 279 -10.35 -17.27 -25.81
CA GLN A 279 -9.79 -18.41 -25.07
C GLN A 279 -10.28 -18.49 -23.61
N ARG A 280 -10.77 -17.37 -23.09
CA ARG A 280 -11.40 -17.32 -21.76
C ARG A 280 -12.85 -17.81 -21.78
N THR A 281 -13.44 -17.88 -22.98
CA THR A 281 -14.86 -18.22 -23.11
C THR A 281 -15.09 -19.57 -23.77
N MET A 282 -15.98 -20.36 -23.16
CA MET A 282 -16.36 -21.66 -23.71
C MET A 282 -17.53 -21.52 -24.70
N ALA A 283 -17.84 -22.59 -25.41
CA ALA A 283 -18.96 -22.62 -26.35
C ALA A 283 -20.30 -22.31 -25.66
N SER A 284 -20.37 -22.69 -24.38
CA SER A 284 -21.54 -22.42 -23.54
C SER A 284 -21.70 -20.94 -23.13
N GLY A 285 -20.61 -20.17 -23.22
CA GLY A 285 -20.63 -18.78 -22.79
C GLY A 285 -20.04 -18.58 -21.40
N GLN A 286 -19.94 -19.67 -20.65
CA GLN A 286 -19.31 -19.65 -19.33
C GLN A 286 -17.78 -19.52 -19.47
N GLN A 287 -17.15 -18.87 -18.48
CA GLN A 287 -15.69 -18.72 -18.43
C GLN A 287 -15.03 -20.08 -18.34
N ALA A 288 -14.01 -20.30 -19.16
CA ALA A 288 -13.19 -21.50 -19.07
C ALA A 288 -12.39 -21.46 -17.77
N VAL A 289 -12.12 -22.63 -17.21
CA VAL A 289 -11.32 -22.69 -15.99
C VAL A 289 -9.85 -22.77 -16.38
N ALA A 290 -9.10 -21.75 -15.98
CA ALA A 290 -7.66 -21.72 -16.19
C ALA A 290 -6.97 -22.68 -15.23
N TYR A 291 -5.89 -23.30 -15.71
CA TYR A 291 -5.16 -24.32 -14.96
C TYR A 291 -3.66 -24.02 -14.92
N LEU A 292 -3.02 -24.36 -13.81
CA LEU A 292 -1.57 -24.52 -13.76
C LEU A 292 -1.28 -26.00 -13.86
N HIS A 293 -0.57 -26.40 -14.91
CA HIS A 293 -0.20 -27.81 -15.08
C HIS A 293 1.26 -28.00 -14.74
N ASP A 294 1.54 -28.85 -13.75
CA ASP A 294 2.92 -29.16 -13.36
C ASP A 294 3.55 -30.02 -14.44
N ILE A 295 4.64 -29.54 -15.02
CA ILE A 295 5.33 -30.23 -16.13
C ILE A 295 5.95 -31.56 -15.68
N ALA A 296 6.51 -31.58 -14.48
CA ALA A 296 7.18 -32.77 -13.97
C ALA A 296 6.22 -33.91 -13.58
N SER A 297 5.08 -33.56 -12.99
CA SER A 297 4.14 -34.58 -12.47
C SER A 297 2.89 -34.81 -13.33
N GLY A 298 2.49 -33.79 -14.08
CA GLY A 298 1.24 -33.84 -14.83
C GLY A 298 0.03 -33.40 -14.03
N ARG A 299 0.25 -33.03 -12.77
CA ARG A 299 -0.85 -32.57 -11.89
C ARG A 299 -1.40 -31.22 -12.33
N GLY A 300 -2.73 -31.15 -12.44
CA GLY A 300 -3.43 -29.92 -12.82
C GLY A 300 -4.07 -29.22 -11.64
N TYR A 301 -3.77 -27.92 -11.50
CA TYR A 301 -4.34 -27.10 -10.45
C TYR A 301 -5.29 -26.07 -11.07
N PRO A 302 -6.62 -26.26 -10.90
CA PRO A 302 -7.56 -25.26 -11.40
C PRO A 302 -7.49 -23.96 -10.60
N LEU A 303 -7.60 -22.82 -11.29
CA LEU A 303 -7.76 -21.53 -10.63
C LEU A 303 -9.24 -21.34 -10.34
N GLN A 304 -9.60 -21.32 -9.07
CA GLN A 304 -11.03 -21.41 -8.72
C GLN A 304 -11.64 -20.13 -8.15
N ALA A 305 -10.79 -19.27 -7.61
CA ALA A 305 -11.24 -18.00 -7.05
C ALA A 305 -10.52 -16.89 -7.79
N ALA A 306 -10.95 -15.65 -7.55
CA ALA A 306 -10.29 -14.47 -8.08
C ALA A 306 -8.80 -14.49 -7.76
N ALA A 307 -8.44 -14.93 -6.55
CA ALA A 307 -7.03 -15.03 -6.15
C ALA A 307 -6.62 -16.45 -5.82
N THR A 308 -5.54 -16.89 -6.45
CA THR A 308 -4.96 -18.20 -6.17
C THR A 308 -3.59 -18.01 -5.53
N ARG A 309 -3.53 -18.34 -4.25
CA ARG A 309 -2.34 -18.14 -3.44
C ARG A 309 -1.44 -19.36 -3.51
N ILE A 310 -0.15 -19.12 -3.78
CA ILE A 310 0.84 -20.18 -3.96
C ILE A 310 2.01 -20.01 -2.98
N GLY A 311 2.36 -21.08 -2.29
CA GLY A 311 3.51 -21.04 -1.38
C GLY A 311 3.74 -22.33 -0.63
N ARG A 312 4.69 -22.30 0.31
CA ARG A 312 5.01 -23.48 1.10
C ARG A 312 4.03 -23.75 2.25
N LEU A 313 3.49 -22.70 2.87
CA LEU A 313 2.54 -22.85 3.97
C LEU A 313 1.23 -23.56 3.57
N HIS A 314 0.72 -24.37 4.50
CA HIS A 314 -0.48 -25.19 4.31
C HIS A 314 -1.75 -24.41 3.93
N ASP A 315 -1.81 -23.13 4.29
CA ASP A 315 -3.01 -22.31 4.05
C ASP A 315 -3.12 -21.80 2.60
N ASN A 316 -2.07 -22.04 1.81
CA ASN A 316 -2.08 -21.69 0.39
C ASN A 316 -3.05 -22.58 -0.40
N ASP A 317 -3.57 -22.03 -1.50
CA ASP A 317 -4.40 -22.78 -2.44
C ASP A 317 -3.56 -23.82 -3.18
N ILE A 318 -2.37 -23.42 -3.59
CA ILE A 318 -1.43 -24.35 -4.21
C ILE A 318 -0.20 -24.44 -3.32
N VAL A 319 -0.02 -25.60 -2.69
CA VAL A 319 1.06 -25.79 -1.73
C VAL A 319 2.25 -26.48 -2.39
N LEU A 320 3.41 -25.82 -2.34
CA LEU A 320 4.66 -26.36 -2.87
C LEU A 320 5.66 -26.57 -1.71
N ASP A 321 5.96 -27.83 -1.43
CA ASP A 321 6.66 -28.26 -0.20
C ASP A 321 8.14 -27.90 -0.07
N SER A 322 8.77 -27.55 -1.18
CA SER A 322 10.21 -27.33 -1.23
C SER A 322 10.69 -26.26 -0.25
N ALA A 323 11.87 -26.51 0.33
CA ALA A 323 12.46 -25.63 1.35
C ALA A 323 12.74 -24.22 0.83
N ASN A 324 13.08 -24.12 -0.47
CA ASN A 324 13.42 -22.83 -1.08
C ASN A 324 12.24 -21.97 -1.52
N VAL A 325 11.03 -22.54 -1.44
CA VAL A 325 9.80 -21.80 -1.75
C VAL A 325 9.38 -21.00 -0.51
N SER A 326 9.03 -19.73 -0.71
CA SER A 326 8.61 -18.87 0.39
C SER A 326 7.27 -19.31 0.97
N ARG A 327 7.08 -19.09 2.27
CA ARG A 327 5.81 -19.43 2.97
C ARG A 327 4.58 -18.98 2.18
N HIS A 328 4.61 -17.71 1.74
CA HIS A 328 3.65 -17.19 0.78
C HIS A 328 4.46 -16.56 -0.33
N HIS A 329 4.54 -17.26 -1.45
CA HIS A 329 5.47 -16.94 -2.53
C HIS A 329 4.84 -16.08 -3.64
N ALA A 330 3.68 -16.49 -4.12
CA ALA A 330 3.04 -15.79 -5.25
C ALA A 330 1.51 -15.82 -5.18
N VAL A 331 0.87 -14.96 -5.97
CA VAL A 331 -0.59 -14.96 -6.15
C VAL A 331 -0.91 -14.72 -7.62
N ILE A 332 -1.77 -15.56 -8.18
CA ILE A 332 -2.36 -15.29 -9.49
C ILE A 332 -3.76 -14.72 -9.30
N VAL A 333 -3.99 -13.55 -9.87
CA VAL A 333 -5.27 -12.85 -9.77
C VAL A 333 -6.00 -12.86 -11.12
N ASP A 334 -7.25 -13.30 -11.09
CA ASP A 334 -8.19 -13.18 -12.21
C ASP A 334 -8.99 -11.88 -12.02
N THR A 335 -8.73 -10.91 -12.90
CA THR A 335 -9.35 -9.59 -12.81
C THR A 335 -10.71 -9.54 -13.50
N GLY A 336 -11.05 -10.63 -14.18
CA GLY A 336 -12.23 -10.68 -15.05
C GLY A 336 -11.87 -10.35 -16.49
N THR A 337 -10.63 -9.88 -16.70
CA THR A 337 -10.09 -9.51 -18.01
C THR A 337 -8.78 -10.23 -18.29
N ASN A 338 -7.88 -10.22 -17.31
CA ASN A 338 -6.59 -10.89 -17.41
C ASN A 338 -6.29 -11.73 -16.18
N TYR A 339 -5.35 -12.65 -16.33
CA TYR A 339 -4.71 -13.30 -15.20
C TYR A 339 -3.35 -12.66 -15.00
N VAL A 340 -3.10 -12.17 -13.79
CA VAL A 340 -1.79 -11.59 -13.52
C VAL A 340 -1.12 -12.22 -12.31
N ILE A 341 0.16 -12.59 -12.49
CA ILE A 341 0.91 -13.20 -11.41
C ILE A 341 1.69 -12.15 -10.63
N ASN A 342 1.65 -12.28 -9.30
CA ASN A 342 2.30 -11.34 -8.39
C ASN A 342 3.32 -12.05 -7.52
N ASP A 343 4.54 -11.51 -7.51
CA ASP A 343 5.59 -12.01 -6.65
C ASP A 343 5.46 -11.32 -5.29
N LEU A 344 5.31 -12.11 -4.23
CA LEU A 344 5.11 -11.55 -2.89
C LEU A 344 6.44 -11.31 -2.18
N ARG A 345 7.32 -10.53 -2.82
CA ARG A 345 8.69 -10.26 -2.33
C ARG A 345 9.35 -11.55 -1.84
N SER A 346 9.30 -12.60 -2.65
CA SER A 346 9.85 -13.89 -2.28
C SER A 346 11.37 -13.86 -2.33
N SER A 347 11.99 -14.75 -1.57
CA SER A 347 13.43 -14.87 -1.51
C SER A 347 14.02 -15.16 -2.89
N ASN A 348 13.41 -16.09 -3.62
CA ASN A 348 13.99 -16.57 -4.87
C ASN A 348 13.36 -16.04 -6.15
N GLY A 349 12.19 -15.43 -6.02
CA GLY A 349 11.54 -14.75 -7.14
C GLY A 349 10.58 -15.65 -7.92
N VAL A 350 9.93 -15.05 -8.91
CA VAL A 350 9.02 -15.78 -9.80
C VAL A 350 9.49 -15.55 -11.24
N HIS A 351 9.55 -16.64 -12.00
CA HIS A 351 10.06 -16.58 -13.37
C HIS A 351 8.98 -16.95 -14.40
N VAL A 352 8.65 -15.99 -15.25
CA VAL A 352 7.66 -16.20 -16.32
C VAL A 352 8.36 -16.09 -17.68
N GLN A 353 8.09 -17.07 -18.53
CA GLN A 353 8.74 -17.17 -19.85
C GLN A 353 10.26 -17.07 -19.73
N HIS A 354 10.79 -17.71 -18.67
CA HIS A 354 12.23 -17.87 -18.43
C HIS A 354 12.98 -16.59 -18.05
N GLU A 355 12.25 -15.62 -17.51
CA GLU A 355 12.89 -14.44 -16.92
C GLU A 355 12.20 -13.98 -15.64
N ARG A 356 13.01 -13.45 -14.73
CA ARG A 356 12.57 -12.96 -13.42
C ARG A 356 11.65 -11.77 -13.60
N ILE A 357 10.48 -11.83 -12.97
CA ILE A 357 9.50 -10.74 -13.06
C ILE A 357 9.83 -9.67 -12.04
N ARG A 358 9.54 -8.41 -12.36
CA ARG A 358 9.89 -7.30 -11.49
C ARG A 358 8.92 -7.08 -10.34
N SER A 359 7.63 -7.27 -10.60
CA SER A 359 6.61 -7.16 -9.56
C SER A 359 5.42 -8.05 -9.89
N ALA A 360 4.88 -7.82 -11.08
CA ALA A 360 3.68 -8.48 -11.55
C ALA A 360 3.72 -8.50 -13.07
N VAL A 361 3.24 -9.57 -13.67
CA VAL A 361 3.09 -9.61 -15.11
C VAL A 361 1.78 -10.27 -15.50
N THR A 362 1.19 -9.77 -16.58
CA THR A 362 0.01 -10.38 -17.16
C THR A 362 0.41 -11.71 -17.81
N LEU A 363 -0.35 -12.76 -17.51
CA LEU A 363 -0.06 -14.08 -18.03
C LEU A 363 -0.77 -14.32 -19.36
N ASN A 364 -0.04 -14.88 -20.32
CA ASN A 364 -0.61 -15.29 -21.59
C ASN A 364 -0.82 -16.81 -21.62
N ASP A 365 -1.77 -17.25 -22.46
CA ASP A 365 -2.07 -18.68 -22.62
C ASP A 365 -0.82 -19.46 -23.00
N GLY A 366 -0.49 -20.48 -22.21
CA GLY A 366 0.64 -21.35 -22.49
C GLY A 366 1.97 -20.93 -21.87
N ASP A 367 1.94 -19.84 -21.10
CA ASP A 367 3.14 -19.33 -20.42
C ASP A 367 3.81 -20.35 -19.50
N HIS A 368 5.13 -20.38 -19.56
CA HIS A 368 5.95 -21.18 -18.66
C HIS A 368 6.12 -20.40 -17.37
N ILE A 369 5.82 -21.05 -16.25
CA ILE A 369 5.94 -20.42 -14.94
C ILE A 369 6.84 -21.28 -14.06
N ARG A 370 7.83 -20.64 -13.46
CA ARG A 370 8.77 -21.33 -12.59
C ARG A 370 8.80 -20.69 -11.20
N ILE A 371 8.58 -21.52 -10.19
CA ILE A 371 8.76 -21.14 -8.79
C ILE A 371 9.80 -22.10 -8.21
N CYS A 372 11.02 -21.58 -8.10
CA CYS A 372 12.19 -22.35 -7.70
C CYS A 372 12.38 -23.55 -8.64
N ASP A 373 12.21 -24.77 -8.13
CA ASP A 373 12.39 -25.97 -8.95
C ASP A 373 11.05 -26.47 -9.54
N HIS A 374 9.95 -25.85 -9.14
CA HIS A 374 8.62 -26.18 -9.65
C HIS A 374 8.33 -25.45 -10.96
N GLU A 375 8.02 -26.20 -12.01
CA GLU A 375 7.73 -25.63 -13.33
C GLU A 375 6.35 -26.02 -13.84
N PHE A 376 5.62 -25.03 -14.35
CA PHE A 376 4.22 -25.20 -14.77
C PHE A 376 3.96 -24.62 -16.17
N THR A 377 2.91 -25.12 -16.82
CA THR A 377 2.30 -24.42 -17.95
C THR A 377 1.02 -23.79 -17.46
N PHE A 378 0.87 -22.49 -17.70
CA PHE A 378 -0.38 -21.81 -17.43
C PHE A 378 -1.26 -21.91 -18.66
N GLN A 379 -2.44 -22.53 -18.50
CA GLN A 379 -3.35 -22.66 -19.62
C GLN A 379 -4.64 -21.91 -19.36
N ILE A 380 -4.98 -21.01 -20.27
CA ILE A 380 -6.20 -20.22 -20.18
C ILE A 380 -7.33 -20.97 -20.86
N SER A 381 -7.07 -21.47 -22.08
CA SER A 381 -8.08 -22.16 -22.88
C SER A 381 -8.53 -23.46 -22.20
N ALA A 382 -9.83 -23.73 -22.29
CA ALA A 382 -10.43 -24.93 -21.69
C ALA A 382 -9.73 -26.22 -22.12
N GLY A 383 -9.51 -27.12 -21.16
CA GLY A 383 -8.91 -28.43 -21.44
C GLY A 383 -9.81 -29.30 -22.32
N THR A 384 -9.19 -30.17 -23.12
CA THR A 384 -9.92 -31.06 -24.02
C THR A 384 -9.73 -32.55 -23.70
N HIS A 385 -9.02 -32.85 -22.62
CA HIS A 385 -8.79 -34.23 -22.19
C HIS A 385 -8.66 -34.30 -20.67
N GLY A 386 -9.08 -35.43 -20.10
CA GLY A 386 -9.04 -35.69 -18.65
C GLY A 386 -9.52 -37.11 -18.35
N GLU B 8 18.31 32.25 -1.93
CA GLU B 8 17.52 33.22 -2.75
C GLU B 8 16.02 32.90 -2.70
N LYS B 9 15.69 31.63 -2.92
CA LYS B 9 14.29 31.20 -2.91
C LYS B 9 14.05 30.11 -1.87
N ARG B 10 12.84 30.11 -1.31
CA ARG B 10 12.45 29.15 -0.27
C ARG B 10 12.34 27.73 -0.84
N LEU B 11 13.03 26.81 -0.19
CA LEU B 11 13.04 25.40 -0.56
C LEU B 11 12.25 24.68 0.52
N ASP B 12 11.27 23.87 0.12
CA ASP B 12 10.47 23.09 1.07
C ASP B 12 10.31 21.66 0.58
N PHE B 13 10.27 20.72 1.52
CA PHE B 13 10.14 19.29 1.23
C PHE B 13 8.99 18.66 2.01
N GLY B 14 8.28 17.74 1.38
CA GLY B 14 7.10 17.13 1.97
C GLY B 14 7.07 15.61 1.92
N LEU B 15 6.90 15.00 3.08
CA LEU B 15 6.78 13.54 3.21
C LEU B 15 5.37 13.06 3.59
N LEU B 16 4.57 13.94 4.20
CA LEU B 16 3.26 13.57 4.72
C LEU B 16 2.19 13.64 3.63
N GLY B 17 2.26 12.68 2.71
CA GLY B 17 1.52 12.73 1.45
C GLY B 17 2.50 12.33 0.36
N PRO B 18 2.09 12.46 -0.92
CA PRO B 18 3.05 12.22 -2.01
C PRO B 18 4.30 13.07 -1.80
N LEU B 19 5.45 12.54 -2.19
CA LEU B 19 6.70 13.28 -2.06
C LEU B 19 6.58 14.64 -2.77
N GLN B 20 7.00 15.69 -2.07
CA GLN B 20 6.92 17.05 -2.60
C GLN B 20 8.23 17.79 -2.44
N MET B 21 8.63 18.47 -3.50
CA MET B 21 9.66 19.49 -3.42
C MET B 21 9.06 20.77 -4.01
N THR B 22 9.05 21.84 -3.23
CA THR B 22 8.54 23.11 -3.72
C THR B 22 9.60 24.21 -3.65
N ILE B 23 9.63 25.04 -4.69
CA ILE B 23 10.51 26.20 -4.72
C ILE B 23 9.64 27.44 -4.80
N ASP B 24 9.80 28.32 -3.81
CA ASP B 24 8.92 29.47 -3.60
C ASP B 24 7.43 29.15 -3.71
N GLY B 25 7.03 28.03 -3.10
CA GLY B 25 5.63 27.60 -3.10
C GLY B 25 5.21 26.72 -4.25
N THR B 26 5.99 26.70 -5.32
CA THR B 26 5.66 25.95 -6.54
C THR B 26 6.22 24.53 -6.54
N PRO B 27 5.36 23.50 -6.71
CA PRO B 27 5.86 22.12 -6.78
C PRO B 27 6.79 21.89 -7.98
N VAL B 28 7.85 21.11 -7.74
CA VAL B 28 8.82 20.77 -8.77
C VAL B 28 8.79 19.25 -8.92
N PRO B 29 8.41 18.73 -10.10
CA PRO B 29 8.48 17.29 -10.33
C PRO B 29 9.90 16.77 -10.13
N SER B 30 10.05 15.75 -9.28
CA SER B 30 11.37 15.36 -8.77
C SER B 30 12.00 14.13 -9.47
N GLY B 31 11.35 13.66 -10.52
CA GLY B 31 11.93 12.62 -11.39
C GLY B 31 11.14 11.33 -11.45
N THR B 32 11.79 10.28 -11.93
CA THR B 32 11.19 8.95 -11.98
C THR B 32 11.12 8.37 -10.56
N PRO B 33 10.40 7.25 -10.36
CA PRO B 33 10.28 6.66 -9.03
C PRO B 33 11.62 6.37 -8.31
N LYS B 34 12.62 5.87 -9.03
CA LYS B 34 13.92 5.58 -8.41
C LYS B 34 14.60 6.86 -7.91
N GLN B 35 14.48 7.94 -8.70
CA GLN B 35 15.08 9.23 -8.34
C GLN B 35 14.32 9.89 -7.18
N ARG B 36 12.99 9.78 -7.21
CA ARG B 36 12.15 10.22 -6.11
C ARG B 36 12.46 9.48 -4.81
N ALA B 37 12.72 8.17 -4.91
CA ALA B 37 13.06 7.37 -3.74
C ALA B 37 14.40 7.80 -3.11
N VAL B 38 15.36 8.20 -3.95
CA VAL B 38 16.61 8.80 -3.47
C VAL B 38 16.33 10.08 -2.67
N LEU B 39 15.54 10.97 -3.26
CA LEU B 39 15.17 12.21 -2.58
C LEU B 39 14.44 11.91 -1.26
N ALA B 40 13.48 11.00 -1.30
CA ALA B 40 12.73 10.59 -0.10
C ALA B 40 13.68 10.11 1.00
N MET B 41 14.62 9.22 0.64
CA MET B 41 15.62 8.71 1.59
C MET B 41 16.45 9.83 2.23
N LEU B 42 16.85 10.81 1.42
CA LEU B 42 17.64 11.94 1.92
C LEU B 42 16.84 12.90 2.81
N VAL B 43 15.55 13.09 2.51
CA VAL B 43 14.69 13.98 3.32
C VAL B 43 14.34 13.34 4.67
N ILE B 44 14.03 12.03 4.63
CA ILE B 44 13.82 11.19 5.82
C ILE B 44 15.02 11.24 6.78
N ASN B 45 16.21 11.21 6.18
CA ASN B 45 17.46 11.25 6.91
C ASN B 45 18.14 12.61 6.82
N ARG B 46 17.34 13.67 6.75
CA ARG B 46 17.85 15.04 6.63
C ARG B 46 18.95 15.35 7.66
N ASN B 47 20.02 15.98 7.18
CA ASN B 47 21.17 16.36 8.02
C ASN B 47 22.04 15.18 8.51
N ARG B 48 21.80 14.01 7.93
CA ARG B 48 22.64 12.83 8.17
C ARG B 48 23.05 12.21 6.82
N PRO B 49 24.23 11.57 6.78
CA PRO B 49 24.65 10.89 5.55
C PRO B 49 23.86 9.61 5.32
N VAL B 50 23.52 9.35 4.06
CA VAL B 50 22.92 8.10 3.62
C VAL B 50 23.91 7.48 2.64
N GLY B 51 24.38 6.27 2.95
CA GLY B 51 25.36 5.60 2.10
C GLY B 51 24.80 5.18 0.75
N VAL B 52 25.68 5.04 -0.24
CA VAL B 52 25.30 4.55 -1.56
C VAL B 52 24.64 3.16 -1.45
N ASP B 53 25.21 2.29 -0.62
CA ASP B 53 24.67 0.94 -0.47
C ASP B 53 23.25 0.94 0.10
N ALA B 54 22.98 1.83 1.05
CA ALA B 54 21.62 1.99 1.60
C ALA B 54 20.65 2.48 0.53
N LEU B 55 21.09 3.44 -0.28
CA LEU B 55 20.30 3.93 -1.41
C LEU B 55 20.00 2.83 -2.42
N ILE B 56 21.00 2.01 -2.73
CA ILE B 56 20.82 0.90 -3.66
C ILE B 56 19.78 -0.08 -3.14
N THR B 57 19.88 -0.42 -1.85
CA THR B 57 18.91 -1.30 -1.19
C THR B 57 17.49 -0.72 -1.21
N ALA B 58 17.36 0.57 -0.85
CA ALA B 58 16.06 1.24 -0.85
C ALA B 58 15.38 1.23 -2.22
N LEU B 59 16.17 1.35 -3.29
CA LEU B 59 15.61 1.48 -4.65
C LEU B 59 15.31 0.15 -5.32
N TRP B 60 16.20 -0.82 -5.12
CA TRP B 60 16.11 -2.08 -5.87
C TRP B 60 16.02 -3.33 -5.02
N GLU B 61 16.09 -3.17 -3.72
CA GLU B 61 16.06 -4.30 -2.78
C GLU B 61 17.22 -5.27 -3.14
N GLU B 62 17.03 -6.59 -3.26
CA GLU B 62 18.19 -7.46 -3.56
C GLU B 62 18.53 -7.60 -5.04
N TRP B 63 17.83 -6.87 -5.91
CA TRP B 63 17.97 -7.02 -7.35
C TRP B 63 18.34 -5.73 -8.09
N PRO B 64 19.49 -5.11 -7.76
CA PRO B 64 19.83 -3.91 -8.52
C PRO B 64 20.35 -4.28 -9.91
N PRO B 65 20.18 -3.38 -10.89
CA PRO B 65 20.83 -3.59 -12.18
C PRO B 65 22.35 -3.43 -12.06
N SER B 66 23.10 -3.89 -13.06
CA SER B 66 24.56 -3.86 -13.00
C SER B 66 25.14 -2.44 -12.94
N GLY B 67 24.43 -1.47 -13.52
CA GLY B 67 24.88 -0.07 -13.51
C GLY B 67 24.22 0.80 -12.44
N ALA B 68 23.83 0.19 -11.32
CA ALA B 68 23.13 0.87 -10.24
C ALA B 68 23.92 2.06 -9.64
N ARG B 69 25.23 1.90 -9.47
CA ARG B 69 26.05 2.99 -8.92
C ARG B 69 26.10 4.21 -9.82
N ALA B 70 26.18 3.98 -11.14
CA ALA B 70 26.11 5.06 -12.14
C ALA B 70 24.73 5.72 -12.13
N SER B 71 23.69 4.92 -11.91
CA SER B 71 22.32 5.43 -11.80
C SER B 71 22.17 6.38 -10.62
N ILE B 72 22.71 5.99 -9.46
CA ILE B 72 22.70 6.84 -8.26
C ILE B 72 23.36 8.20 -8.55
N HIS B 73 24.53 8.17 -9.19
CA HIS B 73 25.25 9.39 -9.57
C HIS B 73 24.36 10.30 -10.45
N SER B 74 23.63 9.71 -11.40
CA SER B 74 22.69 10.45 -12.26
C SER B 74 21.55 11.07 -11.48
N TYR B 75 20.99 10.30 -10.54
CA TYR B 75 19.90 10.81 -9.68
C TYR B 75 20.34 12.01 -8.86
N VAL B 76 21.53 11.91 -8.27
CA VAL B 76 22.09 13.02 -7.49
C VAL B 76 22.33 14.26 -8.37
N SER B 77 22.90 14.04 -9.55
CA SER B 77 23.15 15.13 -10.51
C SER B 77 21.83 15.81 -10.93
N ASN B 78 20.81 15.00 -11.21
CA ASN B 78 19.49 15.51 -11.60
C ASN B 78 18.84 16.30 -10.46
N LEU B 79 18.85 15.71 -9.26
CA LEU B 79 18.30 16.35 -8.06
C LEU B 79 19.00 17.68 -7.76
N ARG B 80 20.32 17.73 -7.90
CA ARG B 80 21.06 18.99 -7.75
C ARG B 80 20.63 20.07 -8.74
N LYS B 81 20.33 19.69 -9.98
CA LYS B 81 19.90 20.65 -10.99
C LYS B 81 18.55 21.28 -10.62
N LEU B 82 17.66 20.47 -10.05
CA LEU B 82 16.38 20.96 -9.56
C LEU B 82 16.58 21.90 -8.36
N LEU B 83 17.46 21.51 -7.43
CA LEU B 83 17.75 22.34 -6.25
C LEU B 83 18.38 23.67 -6.61
N GLY B 84 19.18 23.69 -7.68
CA GLY B 84 19.78 24.92 -8.20
C GLY B 84 18.78 26.01 -8.53
N GLY B 85 17.55 25.61 -8.86
CA GLY B 85 16.46 26.54 -9.13
C GLY B 85 16.06 27.44 -7.97
N ALA B 86 16.43 27.05 -6.75
CA ALA B 86 16.18 27.86 -5.55
C ALA B 86 17.28 28.91 -5.30
N GLY B 87 18.23 29.01 -6.22
CA GLY B 87 19.32 29.99 -6.13
C GLY B 87 20.30 29.71 -5.00
N ILE B 88 20.52 28.43 -4.72
CA ILE B 88 21.51 27.99 -3.73
C ILE B 88 22.61 27.17 -4.40
N ASP B 89 23.65 26.84 -3.63
CA ASP B 89 24.69 25.92 -4.09
C ASP B 89 24.22 24.49 -3.83
N PRO B 90 23.87 23.75 -4.91
CA PRO B 90 23.35 22.40 -4.74
C PRO B 90 24.38 21.42 -4.17
N ARG B 91 25.66 21.71 -4.36
CA ARG B 91 26.75 20.88 -3.83
C ARG B 91 26.89 21.01 -2.31
N VAL B 92 26.30 22.06 -1.75
CA VAL B 92 26.25 22.30 -0.32
C VAL B 92 24.94 21.73 0.27
N VAL B 93 23.82 22.01 -0.41
CA VAL B 93 22.50 21.53 0.02
C VAL B 93 22.38 20.00 -0.11
N LEU B 94 22.85 19.47 -1.24
CA LEU B 94 22.96 18.02 -1.41
C LEU B 94 24.44 17.66 -1.53
N ALA B 95 25.06 17.46 -0.38
CA ALA B 95 26.50 17.32 -0.30
C ALA B 95 26.93 15.87 -0.40
N ALA B 96 28.05 15.66 -1.08
CA ALA B 96 28.73 14.38 -1.01
C ALA B 96 29.27 14.28 0.41
N ALA B 97 28.88 13.24 1.11
CA ALA B 97 29.37 12.95 2.44
C ALA B 97 29.84 11.52 2.42
N PRO B 98 31.10 11.27 1.96
CA PRO B 98 31.83 10.03 1.68
C PRO B 98 31.39 8.71 2.34
N PRO B 99 30.74 8.76 3.53
CA PRO B 99 29.72 7.73 3.74
C PRO B 99 28.79 7.58 2.51
N GLY B 100 28.10 8.67 2.15
CA GLY B 100 27.27 8.71 0.94
C GLY B 100 26.91 10.14 0.59
N TYR B 101 25.64 10.50 0.81
CA TYR B 101 25.12 11.84 0.53
C TYR B 101 24.29 12.38 1.68
N ARG B 102 24.34 13.69 1.87
CA ARG B 102 23.60 14.34 2.95
C ARG B 102 22.84 15.55 2.43
N LEU B 103 21.53 15.55 2.68
CA LEU B 103 20.70 16.72 2.42
C LEU B 103 20.73 17.63 3.66
N SER B 104 21.34 18.81 3.51
CA SER B 104 21.47 19.77 4.61
C SER B 104 20.37 20.81 4.56
N ILE B 105 19.31 20.58 5.33
CA ILE B 105 18.16 21.48 5.36
C ILE B 105 17.70 21.72 6.81
N PRO B 106 17.21 22.94 7.12
CA PRO B 106 16.60 23.15 8.44
C PRO B 106 15.36 22.28 8.62
N ASP B 107 15.14 21.76 9.83
CA ASP B 107 13.98 20.89 10.08
C ASP B 107 12.65 21.55 9.72
N ASN B 108 12.57 22.87 9.91
CA ASN B 108 11.33 23.59 9.66
C ASN B 108 11.02 23.83 8.17
N THR B 109 11.89 23.31 7.30
CA THR B 109 11.65 23.33 5.85
C THR B 109 11.16 21.96 5.35
N CYS B 110 10.80 21.10 6.30
CA CYS B 110 10.25 19.78 6.03
C CYS B 110 8.91 19.69 6.74
N ASP B 111 7.87 19.19 6.06
CA ASP B 111 6.55 19.08 6.70
C ASP B 111 6.59 18.21 7.96
N LEU B 112 7.32 17.10 7.90
CA LEU B 112 7.52 16.24 9.08
C LEU B 112 8.24 16.96 10.22
N GLY B 113 9.28 17.72 9.89
CA GLY B 113 9.99 18.55 10.85
C GLY B 113 9.08 19.55 11.58
N ARG B 114 8.14 20.15 10.84
CA ARG B 114 7.17 21.06 11.42
C ARG B 114 6.13 20.32 12.28
N PHE B 115 5.72 19.14 11.84
CA PHE B 115 4.80 18.29 12.62
C PHE B 115 5.39 17.94 13.98
N VAL B 116 6.65 17.48 13.99
CA VAL B 116 7.33 17.11 15.24
C VAL B 116 7.47 18.33 16.18
N ALA B 117 7.93 19.45 15.62
CA ALA B 117 8.11 20.68 16.40
C ALA B 117 6.81 21.19 17.02
N GLU B 118 5.74 21.21 16.22
CA GLU B 118 4.45 21.70 16.70
C GLU B 118 3.81 20.76 17.73
N LYS B 119 3.87 19.46 17.47
CA LYS B 119 3.40 18.45 18.42
C LYS B 119 4.15 18.56 19.76
N THR B 120 5.46 18.73 19.69
CA THR B 120 6.32 18.93 20.86
C THR B 120 5.92 20.18 21.67
N ALA B 121 5.79 21.32 20.99
CA ALA B 121 5.36 22.56 21.64
C ALA B 121 3.97 22.43 22.30
N GLY B 122 3.08 21.69 21.64
CA GLY B 122 1.75 21.37 22.17
C GLY B 122 1.79 20.55 23.46
N VAL B 123 2.74 19.61 23.54
CA VAL B 123 2.94 18.81 24.75
C VAL B 123 3.33 19.71 25.93
N HIS B 124 4.36 20.53 25.75
CA HIS B 124 4.82 21.44 26.80
C HIS B 124 3.76 22.44 27.25
N ALA B 125 2.93 22.91 26.32
CA ALA B 125 1.85 23.83 26.63
C ALA B 125 0.76 23.18 27.47
N ALA B 126 0.34 21.97 27.08
CA ALA B 126 -0.69 21.22 27.80
C ALA B 126 -0.24 20.82 29.21
N ALA B 127 1.04 20.49 29.35
CA ALA B 127 1.64 20.17 30.65
C ALA B 127 1.67 21.37 31.60
N ALA B 128 1.68 22.58 31.02
CA ALA B 128 1.67 23.81 31.81
C ALA B 128 0.25 24.36 32.01
N GLY B 129 -0.75 23.60 31.55
CA GLY B 129 -2.16 23.99 31.66
C GLY B 129 -2.58 25.03 30.63
N ARG B 130 -1.72 25.29 29.66
CA ARG B 130 -2.01 26.23 28.58
C ARG B 130 -2.71 25.46 27.45
N PHE B 131 -3.98 25.14 27.65
CA PHE B 131 -4.72 24.28 26.74
C PHE B 131 -5.11 24.93 25.42
N GLU B 132 -5.39 26.23 25.46
CA GLU B 132 -5.68 27.00 24.24
C GLU B 132 -4.49 26.98 23.27
N GLN B 133 -3.30 27.32 23.76
CA GLN B 133 -2.13 27.29 22.86
C GLN B 133 -1.72 25.87 22.47
N ALA B 134 -1.92 24.91 23.37
CA ALA B 134 -1.68 23.49 23.06
C ALA B 134 -2.53 23.08 21.85
N SER B 135 -3.81 23.45 21.88
CA SER B 135 -4.73 23.15 20.79
C SER B 135 -4.30 23.82 19.49
N ARG B 136 -3.80 25.04 19.59
CA ARG B 136 -3.31 25.78 18.42
C ARG B 136 -2.07 25.14 17.79
N HIS B 137 -1.13 24.70 18.63
CA HIS B 137 0.05 23.96 18.15
C HIS B 137 -0.38 22.65 17.47
N LEU B 138 -1.34 21.96 18.07
CA LEU B 138 -1.82 20.69 17.53
C LEU B 138 -2.58 20.83 16.21
N SER B 139 -3.37 21.90 16.07
CA SER B 139 -3.96 22.24 14.78
C SER B 139 -2.89 22.46 13.71
N ALA B 140 -1.84 23.19 14.07
CA ALA B 140 -0.70 23.43 13.17
C ALA B 140 0.02 22.14 12.76
N ALA B 141 0.26 21.24 13.73
CA ALA B 141 0.88 19.95 13.44
C ALA B 141 0.04 19.16 12.44
N LEU B 142 -1.26 19.06 12.71
CA LEU B 142 -2.16 18.26 11.89
C LEU B 142 -2.36 18.81 10.48
N ARG B 143 -2.32 20.13 10.34
CA ARG B 143 -2.42 20.80 9.03
C ARG B 143 -1.29 20.44 8.08
N GLU B 144 -0.19 19.91 8.62
CA GLU B 144 0.96 19.48 7.82
C GLU B 144 0.71 18.20 7.01
N TRP B 145 -0.37 17.48 7.33
CA TRP B 145 -0.71 16.24 6.64
C TRP B 145 -1.54 16.45 5.37
N ARG B 146 -1.04 15.97 4.23
CA ARG B 146 -1.76 16.05 2.96
C ARG B 146 -2.39 14.73 2.54
N GLY B 147 -1.80 13.63 2.97
CA GLY B 147 -2.26 12.30 2.57
C GLY B 147 -1.36 11.22 3.15
N PRO B 148 -1.47 9.98 2.62
CA PRO B 148 -0.66 8.87 3.12
C PRO B 148 0.80 9.15 2.83
N VAL B 149 1.66 8.82 3.80
CA VAL B 149 3.10 9.06 3.71
C VAL B 149 3.71 8.46 2.44
N LEU B 150 4.36 9.32 1.66
CA LEU B 150 5.02 8.92 0.41
C LEU B 150 4.14 8.02 -0.46
N ASP B 151 2.88 8.45 -0.65
CA ASP B 151 1.86 7.65 -1.33
C ASP B 151 2.27 7.25 -2.75
N ASP B 152 2.99 8.14 -3.41
CA ASP B 152 3.49 7.94 -4.78
C ASP B 152 4.65 6.94 -4.88
N LEU B 153 5.17 6.51 -3.73
CA LEU B 153 6.28 5.55 -3.66
C LEU B 153 5.91 4.33 -2.80
N ARG B 154 4.61 4.12 -2.63
CA ARG B 154 4.10 3.08 -1.73
C ARG B 154 4.44 1.65 -2.16
N ASP B 155 4.92 1.48 -3.40
CA ASP B 155 5.37 0.17 -3.86
C ASP B 155 6.84 -0.15 -3.51
N PHE B 156 7.57 0.81 -2.94
CA PHE B 156 8.90 0.58 -2.38
C PHE B 156 8.79 0.02 -0.96
N GLN B 157 9.53 -1.05 -0.66
CA GLN B 157 9.44 -1.73 0.65
C GLN B 157 9.69 -0.80 1.86
N PHE B 158 10.65 0.12 1.74
CA PHE B 158 11.00 1.00 2.86
C PHE B 158 9.86 1.92 3.34
N VAL B 159 8.88 2.16 2.48
CA VAL B 159 7.82 3.12 2.81
C VAL B 159 6.88 2.64 3.92
N GLU B 160 6.36 1.41 3.83
CA GLU B 160 5.26 0.98 4.73
C GLU B 160 5.56 1.07 6.24
N PRO B 161 6.71 0.53 6.71
CA PRO B 161 6.91 0.59 8.17
C PRO B 161 7.04 2.03 8.67
N PHE B 162 7.68 2.89 7.87
CA PHE B 162 7.83 4.32 8.18
C PHE B 162 6.46 5.02 8.18
N ALA B 163 5.69 4.80 7.11
CA ALA B 163 4.35 5.36 6.95
C ALA B 163 3.38 4.97 8.07
N THR B 164 3.35 3.68 8.40
CA THR B 164 2.46 3.17 9.43
C THR B 164 2.82 3.77 10.82
N ALA B 165 4.10 3.81 11.14
CA ALA B 165 4.58 4.45 12.37
C ALA B 165 4.17 5.92 12.48
N LEU B 166 4.24 6.65 11.36
CA LEU B 166 3.83 8.05 11.33
C LEU B 166 2.33 8.23 11.50
N VAL B 167 1.54 7.29 10.97
CA VAL B 167 0.09 7.30 11.18
C VAL B 167 -0.23 7.17 12.68
N GLU B 168 0.53 6.33 13.39
CA GLU B 168 0.35 6.20 14.83
C GLU B 168 0.61 7.53 15.55
N ASP B 169 1.63 8.26 15.09
CA ASP B 169 1.92 9.61 15.61
C ASP B 169 0.79 10.60 15.31
N LYS B 170 0.20 10.50 14.11
CA LYS B 170 -0.95 11.32 13.73
C LYS B 170 -2.12 11.07 14.67
N VAL B 171 -2.40 9.80 14.95
CA VAL B 171 -3.46 9.42 15.88
C VAL B 171 -3.20 10.01 17.28
N LEU B 172 -1.97 9.92 17.76
CA LEU B 172 -1.59 10.51 19.04
C LEU B 172 -1.88 12.01 19.06
N ALA B 173 -1.57 12.68 17.95
CA ALA B 173 -1.82 14.12 17.84
C ALA B 173 -3.32 14.47 17.83
N HIS B 174 -4.12 13.70 17.10
CA HIS B 174 -5.58 13.87 17.10
C HIS B 174 -6.13 13.74 18.52
N THR B 175 -5.62 12.75 19.26
CA THR B 175 -6.11 12.44 20.60
C THR B 175 -5.78 13.60 21.53
N ALA B 176 -4.55 14.10 21.45
CA ALA B 176 -4.11 15.24 22.27
C ALA B 176 -4.86 16.53 21.91
N LYS B 177 -5.20 16.69 20.63
CA LYS B 177 -6.00 17.84 20.17
C LYS B 177 -7.39 17.80 20.82
N ALA B 178 -8.04 16.64 20.77
CA ALA B 178 -9.33 16.42 21.44
C ALA B 178 -9.25 16.66 22.95
N GLU B 179 -8.19 16.13 23.58
CA GLU B 179 -7.95 16.36 25.00
C GLU B 179 -7.90 17.84 25.35
N ALA B 180 -7.17 18.61 24.53
CA ALA B 180 -7.01 20.05 24.73
C ALA B 180 -8.33 20.79 24.52
N GLU B 181 -9.07 20.40 23.48
CA GLU B 181 -10.36 21.02 23.16
C GLU B 181 -11.41 20.78 24.22
N ILE B 182 -11.43 19.56 24.77
CA ILE B 182 -12.32 19.20 25.88
C ILE B 182 -11.96 19.99 27.14
N ALA B 183 -10.66 20.13 27.41
CA ALA B 183 -10.17 20.93 28.55
C ALA B 183 -10.55 22.40 28.43
N CYS B 184 -10.67 22.89 27.20
CA CYS B 184 -11.08 24.27 26.93
C CYS B 184 -12.61 24.46 27.02
N GLY B 185 -13.33 23.38 27.29
CA GLY B 185 -14.78 23.41 27.38
C GLY B 185 -15.52 23.22 26.06
N ARG B 186 -14.83 22.68 25.05
CA ARG B 186 -15.40 22.54 23.70
C ARG B 186 -15.66 21.08 23.27
N ALA B 187 -16.05 20.24 24.23
CA ALA B 187 -16.44 18.85 23.96
C ALA B 187 -17.45 18.69 22.81
N SER B 188 -18.52 19.47 22.84
CA SER B 188 -19.59 19.38 21.84
C SER B 188 -19.09 19.62 20.42
N ALA B 189 -18.05 20.44 20.27
CA ALA B 189 -17.50 20.80 18.98
C ALA B 189 -16.49 19.79 18.39
N VAL B 190 -16.00 18.86 19.20
CA VAL B 190 -15.10 17.80 18.70
C VAL B 190 -15.79 16.45 18.43
N ILE B 191 -17.07 16.34 18.78
CA ILE B 191 -17.82 15.07 18.68
C ILE B 191 -17.84 14.53 17.25
N ALA B 192 -18.25 15.36 16.29
CA ALA B 192 -18.34 14.95 14.89
C ALA B 192 -17.01 14.45 14.32
N GLU B 193 -15.92 15.16 14.64
CA GLU B 193 -14.59 14.76 14.18
C GLU B 193 -14.14 13.46 14.83
N LEU B 194 -14.43 13.32 16.12
CA LEU B 194 -14.13 12.10 16.87
C LEU B 194 -14.92 10.89 16.35
N GLU B 195 -16.18 11.12 15.98
CA GLU B 195 -16.99 10.09 15.34
C GLU B 195 -16.36 9.60 14.04
N ALA B 196 -15.87 10.53 13.22
CA ALA B 196 -15.19 10.20 11.98
C ALA B 196 -13.88 9.46 12.22
N LEU B 197 -13.14 9.89 13.23
CA LEU B 197 -11.85 9.30 13.57
C LEU B 197 -11.96 7.88 14.14
N THR B 198 -13.02 7.60 14.88
CA THR B 198 -13.26 6.25 15.40
C THR B 198 -13.75 5.28 14.32
N PHE B 199 -14.26 5.81 13.20
CA PHE B 199 -14.53 4.97 12.04
C PHE B 199 -13.24 4.68 11.25
N GLU B 200 -12.39 5.69 11.13
CA GLU B 200 -11.12 5.56 10.41
C GLU B 200 -10.10 4.70 11.19
N HIS B 201 -10.13 4.84 12.52
CA HIS B 201 -9.18 4.16 13.41
C HIS B 201 -9.92 3.41 14.53
N PRO B 202 -10.77 2.42 14.18
CA PRO B 202 -11.70 1.83 15.15
C PRO B 202 -11.06 1.06 16.31
N TYR B 203 -9.81 0.64 16.14
CA TYR B 203 -9.11 -0.15 17.17
C TYR B 203 -8.23 0.68 18.11
N ARG B 204 -8.22 2.00 17.92
CA ARG B 204 -7.41 2.88 18.75
C ARG B 204 -8.21 3.40 19.94
N GLU B 205 -8.08 2.69 21.06
CA GLU B 205 -8.87 2.97 22.26
C GLU B 205 -8.77 4.40 22.81
N PRO B 206 -7.57 5.04 22.75
CA PRO B 206 -7.52 6.45 23.16
C PRO B 206 -8.46 7.42 22.43
N LEU B 207 -8.78 7.13 21.16
CA LEU B 207 -9.78 7.92 20.41
C LEU B 207 -11.21 7.71 20.91
N TRP B 208 -11.54 6.45 21.21
CA TRP B 208 -12.83 6.15 21.84
C TRP B 208 -12.98 6.80 23.20
N THR B 209 -11.89 6.80 23.99
CA THR B 209 -11.87 7.43 25.32
C THR B 209 -12.29 8.91 25.23
N GLN B 210 -11.72 9.63 24.28
CA GLN B 210 -12.04 11.04 24.09
C GLN B 210 -13.47 11.25 23.60
N LEU B 211 -13.94 10.37 22.71
CA LEU B 211 -15.30 10.46 22.16
C LEU B 211 -16.37 10.27 23.25
N ILE B 212 -16.20 9.25 24.07
CA ILE B 212 -17.11 8.93 25.16
C ILE B 212 -17.12 10.06 26.19
N THR B 213 -15.95 10.63 26.44
CA THR B 213 -15.80 11.82 27.30
C THR B 213 -16.55 13.01 26.73
N ALA B 214 -16.36 13.29 25.44
CA ALA B 214 -17.05 14.38 24.75
C ALA B 214 -18.57 14.26 24.82
N TYR B 215 -19.11 13.07 24.56
CA TYR B 215 -20.54 12.79 24.71
C TYR B 215 -21.03 13.11 26.12
N TYR B 216 -20.33 12.58 27.12
CA TYR B 216 -20.72 12.70 28.52
C TYR B 216 -20.70 14.15 29.01
N LEU B 217 -19.68 14.89 28.58
CA LEU B 217 -19.54 16.30 28.96
C LEU B 217 -20.41 17.22 28.11
N SER B 218 -21.07 16.65 27.10
CA SER B 218 -22.03 17.40 26.28
C SER B 218 -23.47 17.01 26.63
N ASP B 219 -23.66 16.50 27.85
CA ASP B 219 -24.95 16.07 28.37
C ASP B 219 -25.63 15.02 27.48
N ARG B 220 -24.83 14.07 27.01
CA ARG B 220 -25.31 12.98 26.17
C ARG B 220 -24.80 11.65 26.74
N GLN B 221 -25.23 11.35 27.97
CA GLN B 221 -24.80 10.15 28.70
C GLN B 221 -25.19 8.85 27.99
N SER B 222 -26.40 8.83 27.43
CA SER B 222 -26.91 7.67 26.67
C SER B 222 -25.98 7.33 25.52
N ASP B 223 -25.63 8.33 24.73
CA ASP B 223 -24.69 8.17 23.62
C ASP B 223 -23.30 7.73 24.12
N ALA B 224 -22.90 8.22 25.28
CA ALA B 224 -21.62 7.86 25.89
C ALA B 224 -21.56 6.38 26.28
N LEU B 225 -22.65 5.89 26.88
CA LEU B 225 -22.75 4.50 27.27
C LEU B 225 -22.88 3.58 26.06
N GLY B 226 -23.66 4.03 25.07
CA GLY B 226 -23.83 3.31 23.81
C GLY B 226 -22.54 3.17 23.02
N ALA B 227 -21.72 4.23 23.04
CA ALA B 227 -20.41 4.21 22.38
C ALA B 227 -19.46 3.20 23.02
N TYR B 228 -19.54 3.03 24.34
CA TYR B 228 -18.72 2.03 25.03
C TYR B 228 -19.11 0.61 24.58
N ARG B 229 -20.42 0.36 24.52
CA ARG B 229 -20.92 -0.93 24.04
C ARG B 229 -20.50 -1.22 22.60
N ARG B 230 -20.43 -0.17 21.79
CA ARG B 230 -20.00 -0.29 20.39
C ARG B 230 -18.53 -0.67 20.25
N VAL B 231 -17.65 -0.03 21.00
CA VAL B 231 -16.22 -0.38 20.96
C VAL B 231 -15.95 -1.73 21.61
N LYS B 232 -16.71 -2.07 22.65
CA LYS B 232 -16.63 -3.39 23.29
C LYS B 232 -16.93 -4.50 22.28
N THR B 233 -17.99 -4.32 21.50
CA THR B 233 -18.40 -5.27 20.46
C THR B 233 -17.36 -5.35 19.35
N THR B 234 -16.86 -4.19 18.94
CA THR B 234 -15.83 -4.08 17.91
C THR B 234 -14.52 -4.78 18.31
N LEU B 235 -14.06 -4.51 19.53
CA LEU B 235 -12.80 -5.11 20.02
C LEU B 235 -12.92 -6.62 20.20
N ALA B 236 -14.08 -7.07 20.65
CA ALA B 236 -14.35 -8.49 20.85
C ALA B 236 -14.42 -9.29 19.54
N ASP B 237 -15.27 -8.84 18.61
CA ASP B 237 -15.44 -9.52 17.32
C ASP B 237 -14.18 -9.45 16.46
N ASP B 238 -13.62 -8.25 16.30
CA ASP B 238 -12.51 -8.03 15.36
C ASP B 238 -11.15 -8.50 15.89
N LEU B 239 -10.93 -8.35 17.20
CA LEU B 239 -9.60 -8.59 17.80
C LEU B 239 -9.59 -9.66 18.89
N GLY B 240 -10.74 -10.00 19.42
CA GLY B 240 -10.85 -11.02 20.47
C GLY B 240 -10.41 -10.56 21.85
N ILE B 241 -10.40 -9.25 22.06
CA ILE B 241 -9.96 -8.67 23.33
C ILE B 241 -11.09 -7.89 24.01
N ASP B 242 -10.91 -7.67 25.31
CA ASP B 242 -11.77 -6.77 26.08
C ASP B 242 -11.20 -5.36 25.97
N PRO B 243 -12.02 -4.33 26.31
CA PRO B 243 -11.51 -2.96 26.40
C PRO B 243 -10.48 -2.82 27.51
N GLY B 244 -9.48 -1.98 27.29
CA GLY B 244 -8.43 -1.72 28.26
C GLY B 244 -8.94 -1.03 29.52
N PRO B 245 -8.09 -0.94 30.55
CA PRO B 245 -8.47 -0.36 31.85
C PRO B 245 -8.95 1.10 31.79
N THR B 246 -8.40 1.91 30.89
CA THR B 246 -8.82 3.31 30.75
C THR B 246 -10.29 3.43 30.34
N LEU B 247 -10.68 2.70 29.30
CA LEU B 247 -12.06 2.69 28.82
C LEU B 247 -13.02 2.13 29.86
N ARG B 248 -12.63 1.04 30.52
CA ARG B 248 -13.47 0.39 31.53
C ARG B 248 -13.75 1.31 32.72
N ALA B 249 -12.70 2.00 33.20
CA ALA B 249 -12.83 2.97 34.29
C ALA B 249 -13.72 4.16 33.92
N LEU B 250 -13.59 4.63 32.68
CA LEU B 250 -14.42 5.73 32.16
C LEU B 250 -15.89 5.35 32.17
N ASN B 251 -16.19 4.16 31.62
CA ASN B 251 -17.56 3.63 31.60
C ASN B 251 -18.18 3.53 32.99
N GLU B 252 -17.39 3.04 33.96
CA GLU B 252 -17.83 2.95 35.36
C GLU B 252 -18.23 4.32 35.93
N ARG B 253 -17.37 5.32 35.75
CA ARG B 253 -17.66 6.68 36.20
C ARG B 253 -18.97 7.19 35.60
N ILE B 254 -19.16 6.93 34.30
CA ILE B 254 -20.37 7.35 33.57
C ILE B 254 -21.65 6.65 34.04
N LEU B 255 -21.59 5.33 34.24
CA LEU B 255 -22.71 4.57 34.81
C LEU B 255 -23.15 5.10 36.18
N ARG B 256 -22.18 5.54 36.98
CA ARG B 256 -22.40 6.10 38.32
C ARG B 256 -22.72 7.60 38.31
N GLN B 257 -22.70 8.19 37.13
CA GLN B 257 -22.69 9.66 36.94
C GLN B 257 -21.78 10.47 37.87
N GLN B 258 -20.53 10.03 37.96
CA GLN B 258 -19.48 10.73 38.66
C GLN B 258 -18.87 11.80 37.77
N PRO B 259 -18.34 12.88 38.37
CA PRO B 259 -17.70 13.94 37.60
C PRO B 259 -16.39 13.50 36.93
N LEU B 260 -16.11 14.09 35.77
CA LEU B 260 -14.83 13.92 35.09
C LEU B 260 -14.01 15.20 35.26
N ASP B 261 -12.69 15.07 35.29
CA ASP B 261 -11.79 16.22 35.35
C ASP B 261 -10.91 16.27 34.11
N ALA B 262 -11.45 16.87 33.05
CA ALA B 262 -10.83 16.89 31.72
C ALA B 262 -9.55 17.72 31.66
N LYS B 263 -9.47 18.76 32.49
CA LYS B 263 -8.25 19.58 32.59
C LYS B 263 -7.10 18.79 33.21
N LYS B 264 -7.39 18.05 34.28
CA LYS B 264 -6.37 17.21 34.93
C LYS B 264 -5.88 16.10 34.01
N SER B 265 -6.81 15.43 33.31
CA SER B 265 -6.48 14.38 32.35
C SER B 265 -5.51 14.87 31.28
N ALA B 266 -5.80 16.03 30.70
CA ALA B 266 -4.98 16.63 29.65
C ALA B 266 -3.58 16.96 30.15
N LYS B 267 -3.49 17.53 31.34
CA LYS B 267 -2.20 17.82 31.98
C LYS B 267 -1.42 16.54 32.27
N THR B 268 -2.12 15.53 32.80
CA THR B 268 -1.52 14.24 33.14
C THR B 268 -0.94 13.51 31.93
N THR B 269 -1.71 13.49 30.83
CA THR B 269 -1.25 12.88 29.56
C THR B 269 0.02 13.58 29.07
N ALA B 270 0.00 14.91 29.10
CA ALA B 270 1.12 15.73 28.62
C ALA B 270 2.36 15.57 29.47
N ALA B 271 2.18 15.52 30.79
CA ALA B 271 3.29 15.38 31.74
C ALA B 271 4.06 14.07 31.53
N GLY B 272 3.34 12.99 31.24
CA GLY B 272 3.95 11.71 30.91
C GLY B 272 4.81 11.76 29.65
N THR B 273 4.38 12.57 28.68
CA THR B 273 5.09 12.73 27.42
C THR B 273 6.36 13.59 27.56
N VAL B 274 6.29 14.57 28.47
CA VAL B 274 7.43 15.46 28.77
C VAL B 274 8.64 14.63 29.25
N THR B 275 8.35 13.63 30.10
CA THR B 275 9.36 12.72 30.63
C THR B 275 10.13 12.03 29.51
N VAL B 276 9.39 11.52 28.53
CA VAL B 276 9.97 10.87 27.36
C VAL B 276 10.73 11.87 26.46
N LEU B 277 10.17 13.08 26.31
CA LEU B 277 10.81 14.13 25.51
C LEU B 277 12.15 14.57 26.09
N ASP B 278 12.18 14.82 27.40
CA ASP B 278 13.41 15.21 28.10
C ASP B 278 14.46 14.09 28.07
N GLN B 279 14.01 12.88 27.78
CA GLN B 279 14.87 11.69 27.70
C GLN B 279 15.43 11.47 26.27
N ARG B 280 14.75 11.99 25.26
CA ARG B 280 15.31 12.05 23.91
C ARG B 280 16.27 13.23 23.77
N THR B 281 16.26 14.14 24.75
CA THR B 281 16.92 15.44 24.60
C THR B 281 18.20 15.57 25.41
N MET B 282 19.30 15.89 24.72
CA MET B 282 20.60 16.07 25.36
C MET B 282 20.77 17.50 25.86
N ALA B 283 21.69 17.68 26.80
CA ALA B 283 22.07 19.00 27.32
C ALA B 283 22.55 19.93 26.20
N SER B 284 23.01 19.33 25.10
CA SER B 284 23.39 20.05 23.88
C SER B 284 22.17 20.58 23.11
N GLY B 285 20.98 20.07 23.44
CA GLY B 285 19.74 20.49 22.78
C GLY B 285 19.33 19.54 21.66
N GLN B 286 20.31 18.80 21.13
CA GLN B 286 20.08 17.85 20.05
C GLN B 286 19.47 16.56 20.58
N GLN B 287 18.84 15.81 19.68
CA GLN B 287 18.32 14.49 20.00
C GLN B 287 19.46 13.51 20.30
N ALA B 288 19.30 12.75 21.38
CA ALA B 288 20.24 11.69 21.73
C ALA B 288 20.16 10.55 20.72
N VAL B 289 21.25 9.81 20.57
CA VAL B 289 21.31 8.67 19.65
C VAL B 289 20.81 7.42 20.39
N ALA B 290 19.84 6.73 19.82
CA ALA B 290 19.34 5.48 20.38
C ALA B 290 20.27 4.32 20.03
N TYR B 291 20.32 3.32 20.91
CA TYR B 291 21.20 2.17 20.75
C TYR B 291 20.48 0.84 20.99
N LEU B 292 20.94 -0.19 20.29
CA LEU B 292 20.66 -1.58 20.67
C LEU B 292 21.92 -2.17 21.30
N HIS B 293 21.81 -2.58 22.56
CA HIS B 293 22.95 -3.17 23.25
C HIS B 293 22.80 -4.69 23.35
N ASP B 294 23.69 -5.41 22.67
CA ASP B 294 23.70 -6.87 22.72
C ASP B 294 24.05 -7.30 24.14
N ILE B 295 23.10 -7.97 24.80
CA ILE B 295 23.25 -8.39 26.20
C ILE B 295 24.40 -9.39 26.36
N ALA B 296 24.55 -10.28 25.39
CA ALA B 296 25.57 -11.33 25.46
C ALA B 296 26.99 -10.80 25.20
N SER B 297 27.14 -9.96 24.17
CA SER B 297 28.46 -9.51 23.72
C SER B 297 28.88 -8.13 24.24
N GLY B 298 27.89 -7.29 24.53
CA GLY B 298 28.15 -5.91 24.98
C GLY B 298 28.26 -4.90 23.86
N ARG B 299 28.27 -5.39 22.61
CA ARG B 299 28.34 -4.52 21.44
C ARG B 299 27.10 -3.62 21.34
N GLY B 300 27.36 -2.32 21.16
CA GLY B 300 26.29 -1.34 20.95
C GLY B 300 26.11 -1.04 19.47
N TYR B 301 24.85 -1.03 19.04
CA TYR B 301 24.50 -0.70 17.66
C TYR B 301 23.75 0.64 17.63
N PRO B 302 24.43 1.72 17.22
CA PRO B 302 23.73 3.00 17.15
C PRO B 302 22.66 3.00 16.05
N LEU B 303 21.50 3.58 16.36
CA LEU B 303 20.46 3.72 15.37
C LEU B 303 20.71 5.03 14.63
N GLN B 304 21.47 4.93 13.54
CA GLN B 304 21.98 6.12 12.86
C GLN B 304 21.06 6.69 11.78
N ALA B 305 20.16 5.86 11.26
CA ALA B 305 19.22 6.29 10.23
C ALA B 305 17.79 6.23 10.75
N ALA B 306 16.86 6.77 9.97
CA ALA B 306 15.45 6.71 10.32
C ALA B 306 14.92 5.28 10.30
N ALA B 307 15.53 4.42 9.48
CA ALA B 307 15.26 2.97 9.51
C ALA B 307 16.52 2.16 9.78
N THR B 308 16.42 1.21 10.70
CA THR B 308 17.51 0.30 10.99
C THR B 308 17.03 -1.13 10.73
N ARG B 309 17.45 -1.67 9.59
CA ARG B 309 17.03 -2.98 9.13
C ARG B 309 17.89 -4.07 9.74
N ILE B 310 17.24 -5.13 10.23
CA ILE B 310 17.93 -6.21 10.96
C ILE B 310 17.59 -7.55 10.32
N GLY B 311 18.62 -8.34 10.01
CA GLY B 311 18.40 -9.66 9.41
C GLY B 311 19.72 -10.35 9.09
N ARG B 312 19.63 -11.55 8.52
CA ARG B 312 20.82 -12.33 8.20
C ARG B 312 21.48 -11.87 6.89
N LEU B 313 20.66 -11.39 5.96
CA LEU B 313 21.19 -10.90 4.68
C LEU B 313 22.22 -9.80 4.82
N HIS B 314 23.25 -9.92 3.98
CA HIS B 314 24.37 -8.98 3.92
C HIS B 314 23.98 -7.50 3.87
N ASP B 315 22.82 -7.21 3.28
CA ASP B 315 22.41 -5.82 3.04
C ASP B 315 21.65 -5.14 4.20
N ASN B 316 21.45 -5.87 5.29
CA ASN B 316 20.83 -5.29 6.49
C ASN B 316 21.77 -4.32 7.20
N ASP B 317 21.18 -3.39 7.96
CA ASP B 317 21.96 -2.41 8.73
C ASP B 317 22.61 -3.06 9.95
N ILE B 318 21.88 -3.97 10.59
CA ILE B 318 22.45 -4.84 11.61
C ILE B 318 22.33 -6.26 11.10
N VAL B 319 23.48 -6.90 10.91
CA VAL B 319 23.54 -8.27 10.39
C VAL B 319 23.70 -9.26 11.54
N LEU B 320 22.73 -10.15 11.67
CA LEU B 320 22.79 -11.24 12.63
C LEU B 320 22.93 -12.53 11.84
N ASP B 321 24.15 -13.07 11.83
CA ASP B 321 24.46 -14.25 11.02
C ASP B 321 24.13 -15.55 11.73
N SER B 322 22.83 -15.82 11.85
CA SER B 322 22.34 -17.03 12.50
C SER B 322 21.31 -17.69 11.59
N ALA B 323 21.47 -19.01 11.42
CA ALA B 323 20.62 -19.79 10.52
C ALA B 323 19.13 -19.60 10.75
N ASN B 324 18.71 -19.42 12.00
CA ASN B 324 17.29 -19.24 12.33
C ASN B 324 16.74 -17.82 12.14
N VAL B 325 17.62 -16.87 11.82
CA VAL B 325 17.22 -15.49 11.56
C VAL B 325 16.84 -15.32 10.08
N SER B 326 15.66 -14.74 9.84
CA SER B 326 15.18 -14.45 8.49
C SER B 326 16.09 -13.45 7.79
N ARG B 327 16.25 -13.62 6.47
CA ARG B 327 17.18 -12.79 5.69
C ARG B 327 16.83 -11.31 5.80
N HIS B 328 15.54 -10.99 5.80
CA HIS B 328 15.07 -9.68 6.26
C HIS B 328 14.08 -9.90 7.40
N HIS B 329 14.55 -9.67 8.62
CA HIS B 329 13.83 -10.12 9.81
C HIS B 329 12.98 -9.02 10.47
N ALA B 330 13.60 -7.86 10.69
CA ALA B 330 12.91 -6.77 11.37
C ALA B 330 13.42 -5.40 10.92
N VAL B 331 12.70 -4.35 11.31
CA VAL B 331 13.17 -2.98 11.11
C VAL B 331 12.73 -2.08 12.28
N ILE B 332 13.64 -1.21 12.73
CA ILE B 332 13.30 -0.21 13.74
C ILE B 332 13.28 1.15 13.07
N VAL B 333 12.14 1.83 13.17
CA VAL B 333 11.93 3.12 12.56
C VAL B 333 11.88 4.21 13.62
N ASP B 334 12.51 5.35 13.30
CA ASP B 334 12.46 6.55 14.13
C ASP B 334 11.60 7.59 13.41
N THR B 335 10.46 7.95 13.99
CA THR B 335 9.55 8.92 13.38
C THR B 335 9.91 10.36 13.75
N GLY B 336 10.80 10.52 14.72
CA GLY B 336 11.08 11.83 15.31
C GLY B 336 10.29 12.03 16.59
N THR B 337 9.28 11.18 16.80
CA THR B 337 8.48 11.19 18.02
C THR B 337 8.61 9.85 18.76
N ASN B 338 8.59 8.76 18.00
CA ASN B 338 8.70 7.41 18.54
C ASN B 338 9.70 6.53 17.80
N TYR B 339 10.21 5.51 18.50
CA TYR B 339 10.87 4.38 17.87
C TYR B 339 9.90 3.21 17.85
N VAL B 340 9.71 2.61 16.69
CA VAL B 340 8.82 1.45 16.58
C VAL B 340 9.44 0.27 15.81
N ILE B 341 9.29 -0.92 16.38
CA ILE B 341 9.87 -2.11 15.76
C ILE B 341 8.81 -2.86 14.97
N ASN B 342 9.22 -3.36 13.81
CA ASN B 342 8.35 -4.08 12.90
C ASN B 342 8.92 -5.46 12.60
N ASP B 343 8.08 -6.48 12.75
CA ASP B 343 8.41 -7.85 12.32
C ASP B 343 8.09 -7.94 10.82
N LEU B 344 9.11 -8.25 10.03
CA LEU B 344 8.94 -8.28 8.57
C LEU B 344 8.50 -9.66 8.08
N ARG B 345 7.36 -10.12 8.63
CA ARG B 345 6.82 -11.46 8.35
C ARG B 345 7.87 -12.58 8.45
N SER B 346 8.65 -12.57 9.53
CA SER B 346 9.73 -13.53 9.71
C SER B 346 9.17 -14.88 10.15
N SER B 347 9.97 -15.92 9.97
CA SER B 347 9.58 -17.29 10.34
C SER B 347 9.46 -17.43 11.86
N ASN B 348 10.46 -16.93 12.58
CA ASN B 348 10.55 -17.14 14.02
C ASN B 348 10.06 -15.99 14.90
N GLY B 349 9.86 -14.83 14.27
CA GLY B 349 9.21 -13.70 14.93
C GLY B 349 10.13 -12.78 15.71
N VAL B 350 9.52 -11.78 16.34
CA VAL B 350 10.23 -10.78 17.12
C VAL B 350 9.53 -10.67 18.48
N HIS B 351 10.33 -10.69 19.55
CA HIS B 351 9.79 -10.59 20.90
C HIS B 351 10.24 -9.30 21.58
N VAL B 352 9.27 -8.50 22.03
CA VAL B 352 9.53 -7.28 22.78
C VAL B 352 8.91 -7.40 24.17
N GLN B 353 9.70 -7.04 25.19
CA GLN B 353 9.33 -7.25 26.60
C GLN B 353 8.76 -8.64 26.84
N HIS B 354 9.45 -9.63 26.26
CA HIS B 354 9.18 -11.06 26.49
C HIS B 354 7.85 -11.61 25.95
N GLU B 355 7.27 -10.90 24.99
CA GLU B 355 6.11 -11.42 24.26
C GLU B 355 6.25 -11.23 22.76
N ARG B 356 5.80 -12.22 21.99
CA ARG B 356 5.90 -12.17 20.54
C ARG B 356 4.96 -11.10 19.99
N ILE B 357 5.51 -10.23 19.14
CA ILE B 357 4.74 -9.13 18.57
C ILE B 357 3.93 -9.63 17.35
N ARG B 358 2.69 -9.16 17.25
CA ARG B 358 1.77 -9.59 16.20
C ARG B 358 1.41 -8.40 15.31
N SER B 359 2.09 -7.29 15.58
CA SER B 359 1.86 -6.02 14.94
C SER B 359 3.08 -5.15 15.30
N ALA B 360 3.21 -4.00 14.63
CA ALA B 360 4.25 -3.03 15.00
C ALA B 360 4.14 -2.64 16.48
N VAL B 361 5.29 -2.50 17.14
CA VAL B 361 5.31 -2.20 18.58
C VAL B 361 6.18 -0.98 18.85
N THR B 362 5.62 -0.03 19.58
CA THR B 362 6.34 1.15 20.06
C THR B 362 7.32 0.78 21.18
N LEU B 363 8.57 1.20 21.01
CA LEU B 363 9.64 0.86 21.96
C LEU B 363 9.80 1.92 23.04
N ASN B 364 10.06 1.46 24.26
CA ASN B 364 10.34 2.34 25.37
C ASN B 364 11.79 2.15 25.82
N ASP B 365 12.38 3.18 26.41
CA ASP B 365 13.73 3.10 26.94
C ASP B 365 13.88 1.88 27.88
N GLY B 366 14.92 1.09 27.64
CA GLY B 366 15.23 -0.07 28.48
C GLY B 366 14.51 -1.36 28.11
N ASP B 367 13.70 -1.32 27.04
CA ASP B 367 12.95 -2.49 26.56
C ASP B 367 13.88 -3.62 26.14
N HIS B 368 13.48 -4.85 26.46
CA HIS B 368 14.16 -6.06 26.02
C HIS B 368 13.66 -6.46 24.63
N ILE B 369 14.60 -6.75 23.73
CA ILE B 369 14.27 -7.20 22.37
C ILE B 369 14.98 -8.52 22.06
N ARG B 370 14.21 -9.51 21.62
CA ARG B 370 14.75 -10.80 21.23
C ARG B 370 14.46 -11.09 19.76
N ILE B 371 15.52 -11.42 19.02
CA ILE B 371 15.43 -11.94 17.65
C ILE B 371 16.16 -13.28 17.65
N CYS B 372 15.37 -14.35 17.74
CA CYS B 372 15.87 -15.72 17.90
C CYS B 372 16.77 -15.86 19.13
N ASP B 373 18.07 -16.13 18.92
CA ASP B 373 19.01 -16.30 20.04
C ASP B 373 19.74 -15.00 20.39
N HIS B 374 19.41 -13.93 19.67
CA HIS B 374 20.02 -12.61 19.88
C HIS B 374 19.11 -11.75 20.74
N GLU B 375 19.64 -11.32 21.89
CA GLU B 375 18.87 -10.49 22.82
C GLU B 375 19.55 -9.14 23.07
N PHE B 376 18.75 -8.08 23.06
CA PHE B 376 19.24 -6.70 23.15
C PHE B 376 18.48 -5.89 24.20
N THR B 377 19.13 -4.85 24.74
CA THR B 377 18.40 -3.79 25.42
C THR B 377 18.33 -2.58 24.49
N PHE B 378 17.11 -2.06 24.32
CA PHE B 378 16.93 -0.80 23.63
C PHE B 378 17.11 0.36 24.59
N GLN B 379 18.00 1.29 24.25
CA GLN B 379 18.29 2.44 25.13
C GLN B 379 18.29 3.75 24.36
N ILE B 380 17.57 4.74 24.90
CA ILE B 380 17.53 6.08 24.31
C ILE B 380 18.33 7.07 25.17
N SER C 1 5.06 -25.39 5.66
CA SER C 1 5.70 -25.25 7.01
C SER C 1 6.05 -23.78 7.29
N LEU C 2 6.13 -23.43 8.58
CA LEU C 2 6.55 -22.10 9.01
C LEU C 2 8.07 -22.02 9.20
N GLU C 3 8.79 -22.79 8.38
CA GLU C 3 10.25 -22.89 8.46
C GLU C 3 10.92 -21.91 7.53
N VAL C 4 11.99 -21.26 8.00
CA VAL C 4 12.69 -20.26 7.18
C VAL C 4 13.03 -20.79 5.78
N TPO C 5 12.78 -19.96 4.77
CA TPO C 5 12.97 -20.33 3.37
CB TPO C 5 12.33 -19.25 2.50
CG2 TPO C 5 12.38 -19.58 1.02
OG1 TPO C 5 10.97 -19.02 2.89
P TPO C 5 10.50 -17.55 3.36
O1P TPO C 5 10.88 -16.65 2.21
O2P TPO C 5 11.31 -17.30 4.63
O3P TPO C 5 9.01 -17.66 3.59
C TPO C 5 14.43 -20.50 2.98
O TPO C 5 15.24 -19.62 3.26
N GLU C 6 14.74 -21.62 2.34
CA GLU C 6 16.08 -21.88 1.81
C GLU C 6 16.41 -20.95 0.64
N ALA C 7 17.68 -20.56 0.54
CA ALA C 7 18.12 -19.62 -0.50
C ALA C 7 18.85 -20.32 -1.63
N ASP C 8 18.53 -19.92 -2.86
CA ASP C 8 19.19 -20.43 -4.06
C ASP C 8 20.51 -19.73 -4.31
N GLU D 3 21.96 -18.47 2.35
CA GLU D 3 21.41 -19.77 2.82
C GLU D 3 20.00 -19.62 3.41
N VAL D 4 19.27 -20.73 3.48
CA VAL D 4 17.89 -20.72 3.96
C VAL D 4 17.75 -20.76 5.47
N TPO D 5 16.81 -19.96 5.98
CA TPO D 5 16.52 -19.87 7.42
CB TPO D 5 15.40 -18.84 7.67
CG2 TPO D 5 15.21 -18.54 9.15
OG1 TPO D 5 15.62 -17.60 6.98
P TPO D 5 14.46 -16.96 6.07
O1P TPO D 5 13.24 -16.84 6.95
O2P TPO D 5 14.32 -17.94 4.94
O3P TPO D 5 15.02 -15.64 5.61
C TPO D 5 16.15 -21.20 8.04
O TPO D 5 15.36 -21.95 7.48
N GLU D 6 16.73 -21.50 9.20
CA GLU D 6 16.36 -22.67 9.98
C GLU D 6 15.20 -22.31 10.91
N ALA D 7 14.31 -23.28 11.13
CA ALA D 7 13.15 -23.03 12.00
C ALA D 7 13.42 -23.41 13.44
N ASP D 8 12.97 -22.54 14.36
CA ASP D 8 12.92 -22.87 15.78
C ASP D 8 11.69 -23.74 16.03
#